data_3SJD
#
_entry.id   3SJD
#
_cell.length_a   149.640
_cell.length_b   209.750
_cell.length_c   133.240
_cell.angle_alpha   90.00
_cell.angle_beta   90.00
_cell.angle_gamma   90.00
#
_symmetry.space_group_name_H-M   'C 2 2 21'
#
loop_
_entity.id
_entity.type
_entity.pdbx_description
1 polymer 'ATPase GET3'
2 polymer 'Golgi to ER traffic protein 2'
3 non-polymer "ADENOSINE-5'-DIPHOSPHATE"
4 non-polymer 'MAGNESIUM ION'
5 non-polymer 'ZINC ION'
#
loop_
_entity_poly.entity_id
_entity_poly.type
_entity_poly.pdbx_seq_one_letter_code
_entity_poly.pdbx_strand_id
1 'polypeptide(L)'
;MDLTVEPNLHSLITSTTHKWIFVGGKGGVGKTTSSCSIAIQMALSQPNKQFLLISTDPAHNLSDAFGEKFGKDARKVTGM
NNLSCMEIDPSAALKDMNDMAVSRANNNGSDGQGDDLGSLLQGGALADLTGSIPGIDEALSFMEVMKHIKRQEQGEGETF
DTVIFDTAPTGHTLRFLQLPNTLSKLLEKFGEITNKLGPMLNSFMGAGNVDISGKLNELKANVETIRQQFTDPDLTTFVC
VCISEFLSLYETERLIQELISYDMDVNSIIVNQLLFAENDQEHNCKRCQARWKMQKKYLDQIDELYEDFHVVKMPLCAGE
IRGLNNLTKFSQFLNKEYNPITDGKVIYELEDKELEHHHHHH
;
A,B,C
2 'polypeptide(L)' MKHHHHHHPMGSELTEAEKRRLLRERRQKKFSNGGASSRLNKITGW D,E
#
# COMPACT_ATOMS: atom_id res chain seq x y z
N THR A 4 -25.06 -11.70 41.39
CA THR A 4 -23.97 -10.76 41.25
C THR A 4 -22.61 -11.44 41.41
N VAL A 5 -21.91 -11.63 40.29
CA VAL A 5 -20.60 -12.28 40.32
C VAL A 5 -19.50 -11.27 40.10
N GLU A 6 -18.28 -11.78 39.90
CA GLU A 6 -17.07 -10.95 39.87
C GLU A 6 -16.62 -10.43 38.51
N PRO A 7 -16.13 -9.17 38.50
CA PRO A 7 -15.52 -8.52 37.36
C PRO A 7 -14.01 -8.60 37.51
N ASN A 8 -13.43 -9.56 36.82
CA ASN A 8 -12.01 -9.83 36.90
C ASN A 8 -11.92 -11.15 36.23
N LEU A 9 -10.71 -11.67 36.21
CA LEU A 9 -10.53 -13.07 35.93
C LEU A 9 -9.63 -13.69 37.00
N HIS A 10 -9.41 -12.92 38.07
CA HIS A 10 -8.70 -13.41 39.24
C HIS A 10 -9.11 -14.83 39.51
N SER A 11 -10.39 -14.98 39.80
CA SER A 11 -10.99 -16.29 40.02
C SER A 11 -10.39 -17.36 39.10
N LEU A 12 -10.06 -16.96 37.88
CA LEU A 12 -9.48 -17.89 36.92
C LEU A 12 -7.98 -17.76 36.81
N ILE A 13 -7.46 -16.57 37.05
CA ILE A 13 -6.03 -16.39 36.97
C ILE A 13 -5.38 -17.51 37.76
N THR A 14 -6.18 -18.11 38.64
CA THR A 14 -5.66 -19.12 39.56
C THR A 14 -6.31 -20.51 39.47
N SER A 15 -7.05 -20.81 38.40
CA SER A 15 -7.51 -22.17 38.20
C SER A 15 -6.31 -23.10 38.21
N THR A 16 -6.57 -24.33 38.60
CA THR A 16 -5.50 -25.24 38.85
C THR A 16 -5.76 -26.45 38.00
N THR A 17 -6.96 -26.45 37.45
CA THR A 17 -7.47 -27.58 36.71
C THR A 17 -7.79 -27.18 35.28
N HIS A 18 -7.43 -25.94 34.94
CA HIS A 18 -7.55 -25.42 33.59
C HIS A 18 -6.29 -25.59 32.75
N LYS A 19 -6.29 -26.60 31.89
CA LYS A 19 -5.14 -26.85 31.05
C LYS A 19 -5.41 -26.40 29.62
N TRP A 20 -6.44 -25.57 29.45
CA TRP A 20 -6.89 -25.16 28.13
C TRP A 20 -7.84 -23.96 28.18
N ILE A 21 -7.39 -22.80 27.69
CA ILE A 21 -8.21 -21.60 27.69
C ILE A 21 -8.34 -21.02 26.29
N PHE A 22 -9.55 -20.74 25.85
CA PHE A 22 -9.72 -20.16 24.52
C PHE A 22 -10.18 -18.73 24.54
N VAL A 23 -9.40 -17.89 23.88
CA VAL A 23 -9.68 -16.47 23.81
C VAL A 23 -9.84 -16.03 22.37
N GLY A 24 -10.82 -15.16 22.11
CA GLY A 24 -11.11 -14.67 20.78
C GLY A 24 -11.93 -13.39 20.84
N GLY A 25 -12.47 -12.97 19.70
CA GLY A 25 -13.38 -11.84 19.68
C GLY A 25 -13.43 -11.23 18.31
N LYS A 26 -14.30 -11.76 17.45
CA LYS A 26 -14.39 -11.28 16.08
C LYS A 26 -14.32 -9.77 16.04
N GLY A 27 -13.14 -9.26 15.70
CA GLY A 27 -12.92 -7.85 15.64
C GLY A 27 -11.51 -7.44 15.99
N GLY A 28 -11.20 -6.24 15.57
CA GLY A 28 -10.02 -5.54 15.99
C GLY A 28 -10.54 -4.88 17.22
N VAL A 29 -10.99 -5.74 18.10
CA VAL A 29 -11.44 -5.35 19.42
C VAL A 29 -10.27 -5.42 20.35
N GLY A 30 -9.26 -6.16 19.88
CA GLY A 30 -8.08 -6.35 20.66
C GLY A 30 -8.31 -7.42 21.69
N LYS A 31 -7.84 -8.61 21.35
CA LYS A 31 -7.95 -9.81 22.15
C LYS A 31 -6.57 -10.47 22.08
N THR A 32 -5.74 -9.88 21.22
CA THR A 32 -4.39 -10.32 21.01
C THR A 32 -3.68 -10.10 22.34
N THR A 33 -3.85 -8.88 22.85
CA THR A 33 -3.24 -8.40 24.08
C THR A 33 -3.94 -9.02 25.23
N SER A 34 -5.24 -9.11 25.07
CA SER A 34 -5.97 -10.04 25.85
C SER A 34 -5.11 -11.30 25.94
N SER A 35 -5.13 -12.16 24.90
CA SER A 35 -4.41 -13.45 24.92
C SER A 35 -3.15 -13.39 25.72
N CYS A 36 -2.57 -12.19 25.80
CA CYS A 36 -1.41 -11.92 26.61
C CYS A 36 -1.78 -11.63 28.05
N SER A 37 -2.25 -10.41 28.29
CA SER A 37 -2.49 -9.99 29.65
C SER A 37 -3.07 -11.10 30.53
N ILE A 38 -3.65 -12.14 29.92
CA ILE A 38 -4.05 -13.33 30.65
C ILE A 38 -2.91 -14.30 30.87
N ALA A 39 -2.33 -14.82 29.80
CA ALA A 39 -1.16 -15.66 29.96
C ALA A 39 -0.04 -14.95 30.70
N ILE A 40 -0.31 -13.76 31.22
CA ILE A 40 0.65 -13.15 32.11
C ILE A 40 0.20 -13.42 33.54
N GLN A 41 -0.97 -12.89 33.86
CA GLN A 41 -1.47 -13.02 35.22
C GLN A 41 -1.40 -14.44 35.75
N MET A 42 -1.32 -15.43 34.86
CA MET A 42 -1.30 -16.80 35.33
C MET A 42 0.05 -17.19 35.89
N ALA A 43 1.07 -17.29 35.04
CA ALA A 43 2.40 -17.64 35.49
C ALA A 43 2.81 -16.89 36.75
N LEU A 44 2.60 -15.58 36.75
CA LEU A 44 2.93 -14.76 37.91
C LEU A 44 2.44 -15.44 39.15
N SER A 45 1.16 -15.79 39.14
CA SER A 45 0.48 -16.30 40.32
C SER A 45 0.33 -17.80 40.31
N GLN A 46 1.21 -18.49 39.59
CA GLN A 46 1.29 -19.94 39.64
C GLN A 46 2.62 -20.42 39.07
N PRO A 47 3.69 -19.65 39.34
CA PRO A 47 4.98 -19.74 38.65
C PRO A 47 5.53 -21.16 38.60
N ASN A 48 5.02 -22.04 39.46
CA ASN A 48 5.40 -23.43 39.40
C ASN A 48 4.63 -24.08 38.28
N LYS A 49 4.08 -23.23 37.42
CA LYS A 49 3.37 -23.71 36.25
C LYS A 49 4.01 -23.19 35.00
N GLN A 50 4.69 -24.09 34.30
CA GLN A 50 5.10 -23.79 32.94
C GLN A 50 3.84 -23.62 32.09
N PHE A 51 3.55 -22.38 31.72
CA PHE A 51 2.41 -22.09 30.84
C PHE A 51 2.89 -21.84 29.40
N LEU A 52 1.94 -21.76 28.48
CA LEU A 52 2.22 -21.66 27.04
C LEU A 52 1.11 -20.93 26.27
N LEU A 53 1.46 -19.79 25.66
CA LEU A 53 0.49 -19.01 24.87
C LEU A 53 0.91 -18.91 23.40
N ILE A 54 0.03 -19.39 22.51
CA ILE A 54 0.33 -19.48 21.09
C ILE A 54 -0.74 -18.83 20.21
N SER A 55 -0.38 -18.53 18.96
CA SER A 55 -1.35 -17.97 18.03
C SER A 55 -1.25 -18.47 16.62
N THR A 56 -2.40 -18.52 15.98
CA THR A 56 -2.53 -19.00 14.63
C THR A 56 -2.62 -17.79 13.73
N ASP A 57 -2.90 -16.62 14.30
CA ASP A 57 -2.97 -15.41 13.49
C ASP A 57 -1.69 -15.31 12.73
N PRO A 58 -1.77 -15.61 11.44
CA PRO A 58 -0.61 -15.52 10.57
C PRO A 58 0.19 -14.27 10.91
N ALA A 59 -0.50 -13.16 11.17
CA ALA A 59 0.11 -11.84 11.32
C ALA A 59 1.35 -11.81 12.21
N HIS A 60 1.57 -12.87 12.96
CA HIS A 60 2.63 -12.90 13.97
C HIS A 60 2.45 -11.71 14.91
N ASN A 61 1.22 -11.54 15.34
CA ASN A 61 0.83 -10.44 16.22
C ASN A 61 1.46 -10.54 17.58
N LEU A 62 1.56 -11.75 18.11
CA LEU A 62 2.07 -11.92 19.45
C LEU A 62 3.37 -11.16 19.63
N SER A 63 4.45 -11.77 19.14
CA SER A 63 5.77 -11.19 19.21
C SER A 63 5.68 -9.70 19.01
N ASP A 64 5.01 -9.36 17.92
CA ASP A 64 4.79 -7.98 17.59
C ASP A 64 4.36 -7.28 18.86
N ALA A 65 3.20 -7.69 19.39
CA ALA A 65 2.62 -7.09 20.58
C ALA A 65 3.58 -7.23 21.76
N PHE A 66 4.72 -7.85 21.48
CA PHE A 66 5.69 -8.16 22.51
C PHE A 66 7.02 -7.47 22.28
N GLY A 67 7.22 -6.89 21.10
CA GLY A 67 8.50 -6.30 20.76
C GLY A 67 9.63 -7.29 20.98
N GLU A 68 9.36 -8.55 20.62
CA GLU A 68 10.26 -9.68 20.82
C GLU A 68 9.75 -10.84 19.97
N LYS A 69 10.61 -11.42 19.16
CA LYS A 69 10.17 -12.37 18.13
C LYS A 69 9.95 -13.79 18.65
N PHE A 70 8.89 -14.44 18.18
CA PHE A 70 8.65 -15.86 18.47
C PHE A 70 8.35 -16.64 17.22
N GLY A 71 8.41 -17.97 17.34
CA GLY A 71 8.30 -18.80 16.17
C GLY A 71 7.97 -20.28 16.36
N LYS A 72 8.31 -21.09 15.35
CA LYS A 72 7.85 -22.46 15.22
C LYS A 72 8.04 -23.33 16.47
N ASP A 73 8.66 -22.78 17.50
CA ASP A 73 8.91 -23.57 18.68
C ASP A 73 8.91 -22.81 19.99
N ALA A 74 8.40 -23.48 21.02
CA ALA A 74 8.23 -22.89 22.33
C ALA A 74 9.45 -22.12 22.79
N ARG A 75 9.25 -20.85 23.10
CA ARG A 75 10.34 -20.05 23.66
C ARG A 75 9.90 -19.29 24.90
N LYS A 76 10.52 -19.63 26.02
CA LYS A 76 10.28 -18.95 27.28
C LYS A 76 10.36 -17.46 27.02
N VAL A 77 9.35 -16.73 27.45
CA VAL A 77 9.36 -15.27 27.40
C VAL A 77 10.69 -14.74 27.88
N THR A 78 11.09 -13.58 27.40
CA THR A 78 12.28 -12.99 27.96
C THR A 78 11.90 -12.09 29.12
N GLY A 79 12.02 -12.64 30.32
CA GLY A 79 11.68 -11.93 31.54
C GLY A 79 11.05 -12.84 32.57
N MET A 80 10.64 -14.01 32.12
CA MET A 80 10.01 -14.97 33.02
C MET A 80 10.60 -16.35 32.83
N ASN A 81 10.15 -17.31 33.63
CA ASN A 81 10.73 -18.63 33.61
C ASN A 81 9.67 -19.70 33.65
N ASN A 82 8.52 -19.39 33.06
CA ASN A 82 7.32 -20.19 33.26
C ASN A 82 6.22 -19.82 32.28
N LEU A 83 6.42 -18.72 31.55
CA LEU A 83 5.47 -18.30 30.52
C LEU A 83 6.10 -18.34 29.13
N SER A 84 5.87 -19.42 28.39
CA SER A 84 6.44 -19.56 27.05
C SER A 84 5.46 -19.02 26.01
N CYS A 85 5.94 -18.86 24.78
CA CYS A 85 5.12 -18.34 23.67
C CYS A 85 5.56 -18.97 22.34
N MET A 86 4.60 -19.25 21.46
CA MET A 86 4.90 -19.99 20.24
C MET A 86 3.99 -19.65 19.07
N GLU A 87 4.53 -18.96 18.09
CA GLU A 87 3.74 -18.60 16.94
C GLU A 87 3.85 -19.65 15.85
N ILE A 88 2.72 -19.97 15.22
CA ILE A 88 2.74 -20.95 14.14
C ILE A 88 1.67 -20.67 13.09
N GLY A 131 -11.28 -34.61 1.13
CA GLY A 131 -12.39 -34.45 2.05
C GLY A 131 -12.93 -33.04 2.11
N SER A 132 -14.18 -32.87 1.68
CA SER A 132 -14.79 -31.56 1.55
C SER A 132 -15.69 -31.24 2.73
N ILE A 133 -15.87 -32.21 3.59
CA ILE A 133 -16.84 -32.08 4.67
C ILE A 133 -16.46 -31.00 5.69
N PRO A 134 -17.45 -30.53 6.46
CA PRO A 134 -17.31 -29.56 7.55
C PRO A 134 -16.53 -30.09 8.73
N GLY A 135 -16.12 -29.19 9.61
CA GLY A 135 -15.38 -29.52 10.82
C GLY A 135 -14.01 -30.06 10.49
N ILE A 136 -14.01 -31.04 9.61
CA ILE A 136 -12.80 -31.62 9.07
C ILE A 136 -11.57 -30.78 9.31
N ASP A 137 -11.13 -30.09 8.26
CA ASP A 137 -9.95 -29.26 8.29
C ASP A 137 -9.72 -28.74 9.70
N GLU A 138 -10.70 -27.99 10.19
CA GLU A 138 -10.64 -27.39 11.51
C GLU A 138 -9.97 -28.29 12.53
N ALA A 139 -10.51 -29.48 12.71
CA ALA A 139 -9.96 -30.39 13.68
C ALA A 139 -8.50 -30.62 13.38
N LEU A 140 -8.24 -31.46 12.39
CA LEU A 140 -6.88 -31.76 11.98
C LEU A 140 -5.99 -30.59 12.29
N SER A 141 -6.33 -29.45 11.68
CA SER A 141 -5.64 -28.20 11.91
C SER A 141 -5.13 -28.27 13.34
N PHE A 142 -6.06 -28.14 14.27
CA PHE A 142 -5.83 -28.47 15.66
C PHE A 142 -4.99 -29.74 15.73
N MET A 143 -5.64 -30.90 15.67
CA MET A 143 -4.95 -32.18 15.81
C MET A 143 -3.44 -32.08 15.68
N GLU A 144 -2.95 -31.87 14.46
CA GLU A 144 -1.51 -31.77 14.25
C GLU A 144 -0.90 -30.93 15.34
N VAL A 145 -1.58 -29.86 15.69
CA VAL A 145 -1.10 -29.00 16.74
C VAL A 145 -0.76 -29.83 17.96
N MET A 146 -1.76 -30.53 18.49
CA MET A 146 -1.55 -31.44 19.62
C MET A 146 -0.13 -31.99 19.55
N LYS A 147 0.04 -33.00 18.71
CA LYS A 147 1.34 -33.58 18.45
C LYS A 147 2.44 -32.54 18.35
N HIS A 148 2.31 -31.56 17.45
CA HIS A 148 3.38 -30.56 17.27
C HIS A 148 3.73 -29.88 18.58
N ILE A 149 2.75 -29.83 19.47
CA ILE A 149 2.97 -29.26 20.79
C ILE A 149 3.69 -30.25 21.70
N LYS A 150 3.21 -31.51 21.72
CA LYS A 150 3.77 -32.51 22.63
C LYS A 150 5.21 -32.81 22.29
N ARG A 151 5.52 -32.78 21.00
CA ARG A 151 6.90 -32.78 20.58
C ARG A 151 7.59 -31.79 21.50
N GLN A 152 7.09 -30.56 21.46
CA GLN A 152 7.77 -29.42 22.03
C GLN A 152 7.93 -29.46 23.55
N GLU A 153 7.19 -30.34 24.21
CA GLU A 153 7.32 -30.50 25.66
C GLU A 153 8.28 -31.63 25.96
N GLN A 154 8.09 -32.72 25.21
CA GLN A 154 8.91 -33.91 25.35
C GLN A 154 10.31 -33.61 24.88
N GLY A 155 10.44 -33.27 23.61
CA GLY A 155 11.72 -32.95 23.02
C GLY A 155 12.33 -31.80 23.78
N GLU A 156 11.46 -31.06 24.44
CA GLU A 156 11.93 -30.00 25.31
C GLU A 156 12.51 -30.64 26.55
N GLY A 157 11.71 -31.50 27.16
CA GLY A 157 12.00 -32.00 28.47
C GLY A 157 11.00 -31.38 29.42
N GLU A 158 11.21 -30.10 29.74
CA GLU A 158 10.28 -29.39 30.62
C GLU A 158 8.90 -29.38 29.99
N THR A 159 7.88 -29.51 30.83
CA THR A 159 6.51 -29.65 30.34
C THR A 159 5.63 -28.47 30.76
N PHE A 160 4.56 -28.28 30.00
CA PHE A 160 3.65 -27.17 30.20
C PHE A 160 2.45 -27.58 31.03
N ASP A 161 1.90 -26.61 31.76
CA ASP A 161 0.81 -26.87 32.69
C ASP A 161 -0.53 -26.35 32.17
N THR A 162 -0.63 -25.03 31.99
CA THR A 162 -1.83 -24.44 31.42
C THR A 162 -1.53 -23.77 30.07
N VAL A 163 -2.38 -24.02 29.06
CA VAL A 163 -2.21 -23.53 27.67
C VAL A 163 -3.27 -22.50 27.20
N ILE A 164 -2.82 -21.39 26.62
CA ILE A 164 -3.67 -20.21 26.33
C ILE A 164 -3.76 -19.84 24.85
N PHE A 165 -4.96 -19.90 24.30
CA PHE A 165 -5.16 -19.67 22.86
C PHE A 165 -5.60 -18.26 22.43
N ASP A 166 -5.47 -18.00 21.13
CA ASP A 166 -5.61 -16.69 20.52
C ASP A 166 -6.33 -16.95 19.20
N THR A 167 -7.58 -17.38 19.32
CA THR A 167 -8.33 -17.84 18.16
C THR A 167 -8.07 -16.91 17.03
N ALA A 168 -7.75 -17.47 15.87
CA ALA A 168 -7.47 -16.64 14.71
C ALA A 168 -8.40 -15.45 14.62
N PRO A 169 -7.89 -14.32 14.12
CA PRO A 169 -8.79 -13.17 13.95
C PRO A 169 -9.98 -13.65 13.13
N THR A 170 -9.76 -14.74 12.40
CA THR A 170 -10.79 -15.36 11.58
C THR A 170 -11.74 -16.15 12.46
N GLY A 171 -11.70 -15.87 13.74
CA GLY A 171 -12.49 -16.61 14.71
C GLY A 171 -11.81 -17.90 15.15
N HIS A 172 -12.55 -19.01 15.02
CA HIS A 172 -12.21 -20.28 15.61
C HIS A 172 -12.46 -21.36 14.59
N THR A 173 -11.58 -22.35 14.54
CA THR A 173 -11.88 -23.51 13.72
C THR A 173 -12.91 -24.31 14.47
N LEU A 174 -13.32 -23.78 15.61
CA LEU A 174 -14.16 -24.51 16.55
C LEU A 174 -15.11 -25.52 15.91
N ARG A 175 -15.93 -25.06 14.97
CA ARG A 175 -16.81 -25.94 14.20
C ARG A 175 -16.95 -27.37 14.70
N PHE A 176 -15.82 -28.07 14.68
CA PHE A 176 -15.79 -29.53 14.65
C PHE A 176 -16.35 -30.30 15.83
N LEU A 177 -16.69 -29.65 16.93
CA LEU A 177 -17.20 -30.44 18.05
C LEU A 177 -18.40 -31.26 17.61
N GLN A 178 -19.42 -30.58 17.11
CA GLN A 178 -20.60 -31.25 16.56
C GLN A 178 -20.22 -32.46 15.72
N LEU A 179 -19.07 -32.37 15.08
CA LEU A 179 -18.57 -33.38 14.16
C LEU A 179 -19.17 -34.77 14.30
N PRO A 180 -18.90 -35.45 15.42
CA PRO A 180 -19.20 -36.87 15.56
C PRO A 180 -20.68 -37.16 15.76
N ASN A 181 -21.47 -36.10 15.87
CA ASN A 181 -22.91 -36.25 16.00
C ASN A 181 -23.46 -36.46 14.61
N THR A 182 -23.53 -35.39 13.84
CA THR A 182 -24.04 -35.44 12.48
C THR A 182 -23.38 -36.62 11.77
N LEU A 183 -22.31 -37.11 12.35
CA LEU A 183 -21.60 -38.26 11.82
C LEU A 183 -22.12 -39.55 12.43
N SER A 184 -22.99 -39.42 13.44
CA SER A 184 -23.53 -40.60 14.08
C SER A 184 -24.69 -41.14 13.25
N LYS A 185 -25.52 -40.25 12.72
CA LYS A 185 -26.66 -40.67 11.90
C LYS A 185 -26.21 -41.51 10.72
N LEU A 186 -25.22 -41.02 9.97
CA LEU A 186 -24.91 -41.66 8.71
C LEU A 186 -23.92 -42.80 8.89
N LEU A 187 -23.31 -42.84 10.07
CA LEU A 187 -22.49 -44.00 10.39
C LEU A 187 -23.37 -45.24 10.44
N GLU A 188 -24.59 -45.08 10.95
CA GLU A 188 -25.54 -46.20 11.02
C GLU A 188 -26.16 -46.48 9.65
N LYS A 189 -26.35 -45.45 8.83
CA LYS A 189 -26.79 -45.65 7.45
C LYS A 189 -25.80 -46.50 6.69
N PHE A 190 -24.54 -46.09 6.73
CA PHE A 190 -23.47 -46.84 6.10
C PHE A 190 -23.43 -48.24 6.69
N GLY A 191 -23.72 -48.35 7.98
CA GLY A 191 -23.75 -49.63 8.66
C GLY A 191 -24.81 -50.54 8.08
N GLU A 192 -26.05 -50.06 8.04
CA GLU A 192 -27.17 -50.83 7.54
C GLU A 192 -26.93 -51.41 6.15
N ILE A 193 -26.26 -50.64 5.30
CA ILE A 193 -25.91 -51.11 3.95
C ILE A 193 -24.82 -52.19 3.92
N THR A 194 -23.76 -52.00 4.69
CA THR A 194 -22.64 -52.95 4.68
C THR A 194 -23.01 -54.25 5.38
N ASN A 195 -24.01 -54.17 6.26
CA ASN A 195 -24.48 -55.34 6.95
C ASN A 195 -25.15 -56.30 5.99
N VAL A 210 -14.30 -49.81 5.07
CA VAL A 210 -13.66 -50.04 6.36
C VAL A 210 -12.83 -48.83 6.77
N ASP A 211 -12.15 -48.23 5.81
CA ASP A 211 -11.40 -47.02 6.07
C ASP A 211 -12.30 -45.82 6.44
N ILE A 212 -13.41 -45.66 5.73
CA ILE A 212 -14.31 -44.56 6.07
C ILE A 212 -14.78 -44.68 7.52
N SER A 213 -15.19 -45.88 7.93
CA SER A 213 -15.56 -46.14 9.32
C SER A 213 -14.41 -45.88 10.27
N GLY A 214 -13.21 -46.29 9.86
CA GLY A 214 -12.04 -46.09 10.68
C GLY A 214 -11.86 -44.63 11.08
N LYS A 215 -11.66 -43.78 10.08
CA LYS A 215 -11.43 -42.36 10.30
C LYS A 215 -12.52 -41.75 11.20
N LEU A 216 -13.77 -42.08 10.91
CA LEU A 216 -14.89 -41.51 11.65
C LEU A 216 -14.83 -41.86 13.14
N ASN A 217 -14.61 -43.13 13.44
CA ASN A 217 -14.46 -43.56 14.82
C ASN A 217 -13.27 -42.91 15.53
N GLU A 218 -12.19 -42.71 14.79
CA GLU A 218 -10.98 -42.09 15.33
C GLU A 218 -11.30 -40.66 15.75
N LEU A 219 -11.89 -39.91 14.83
CA LEU A 219 -12.30 -38.54 15.11
C LEU A 219 -13.16 -38.45 16.38
N LYS A 220 -14.14 -39.34 16.49
CA LYS A 220 -15.08 -39.34 17.60
C LYS A 220 -14.30 -39.56 18.88
N ALA A 221 -13.49 -40.62 18.84
CA ALA A 221 -12.57 -40.96 19.91
C ALA A 221 -11.81 -39.73 20.38
N ASN A 222 -10.93 -39.24 19.50
CA ASN A 222 -10.14 -38.07 19.79
C ASN A 222 -10.98 -36.98 20.45
N VAL A 223 -12.11 -36.62 19.82
CA VAL A 223 -12.94 -35.52 20.28
C VAL A 223 -13.49 -35.79 21.67
N GLU A 224 -13.95 -37.02 21.87
CA GLU A 224 -14.43 -37.46 23.17
C GLU A 224 -13.33 -37.34 24.23
N THR A 225 -12.13 -37.79 23.90
CA THR A 225 -11.03 -37.71 24.86
C THR A 225 -10.73 -36.24 25.08
N ILE A 226 -10.53 -35.52 23.98
CA ILE A 226 -10.29 -34.09 24.05
C ILE A 226 -11.56 -33.45 24.56
N ARG A 227 -12.69 -33.92 24.04
CA ARG A 227 -14.00 -33.41 24.40
C ARG A 227 -14.35 -33.65 25.87
N GLN A 228 -14.06 -34.84 26.37
CA GLN A 228 -14.38 -35.12 27.77
C GLN A 228 -13.58 -34.19 28.67
N GLN A 229 -12.29 -34.07 28.40
CA GLN A 229 -11.47 -33.11 29.13
C GLN A 229 -11.95 -31.73 28.74
N PHE A 230 -12.16 -31.57 27.43
CA PHE A 230 -12.63 -30.33 26.83
C PHE A 230 -14.05 -29.95 27.25
N THR A 231 -14.94 -30.93 27.32
CA THR A 231 -16.33 -30.63 27.65
C THR A 231 -16.65 -30.90 29.13
N ASP A 232 -15.56 -30.48 29.93
CA ASP A 232 -15.53 -30.23 31.34
C ASP A 232 -15.13 -28.79 31.49
N PRO A 233 -16.00 -28.01 32.09
CA PRO A 233 -15.76 -26.62 32.42
C PRO A 233 -14.56 -26.40 33.32
N ASP A 234 -13.79 -27.42 33.68
CA ASP A 234 -12.71 -27.22 34.65
C ASP A 234 -11.26 -27.20 34.14
N LEU A 235 -11.03 -27.76 32.96
CA LEU A 235 -9.70 -27.77 32.38
C LEU A 235 -9.66 -26.75 31.27
N THR A 236 -10.84 -26.30 30.87
CA THR A 236 -11.02 -25.57 29.64
C THR A 236 -12.25 -24.69 29.75
N THR A 237 -12.12 -23.48 29.26
CA THR A 237 -13.26 -22.57 29.19
C THR A 237 -12.80 -21.41 28.31
N PHE A 238 -13.64 -20.40 28.13
CA PHE A 238 -13.56 -19.54 26.95
C PHE A 238 -13.85 -18.08 27.19
N VAL A 239 -12.81 -17.28 27.39
CA VAL A 239 -13.00 -15.86 27.60
C VAL A 239 -13.09 -15.27 26.21
N CYS A 240 -13.83 -14.19 26.04
CA CYS A 240 -13.87 -13.51 24.75
C CYS A 240 -13.79 -12.02 24.95
N VAL A 241 -13.12 -11.35 24.02
CA VAL A 241 -12.91 -9.93 24.15
C VAL A 241 -13.81 -9.25 23.17
N CYS A 242 -14.30 -8.06 23.52
CA CYS A 242 -15.23 -7.36 22.65
C CYS A 242 -15.61 -6.05 23.29
N ILE A 243 -15.82 -5.02 22.47
CA ILE A 243 -15.91 -3.67 22.97
C ILE A 243 -17.29 -3.12 22.85
N SER A 244 -17.42 -1.84 23.15
CA SER A 244 -18.73 -1.26 23.37
C SER A 244 -19.27 -0.66 22.11
N GLU A 245 -19.63 -1.51 21.16
CA GLU A 245 -20.23 -1.00 19.95
C GLU A 245 -21.09 -2.03 19.24
N PHE A 246 -22.15 -1.57 18.62
CA PHE A 246 -23.11 -2.43 17.95
C PHE A 246 -22.44 -3.66 17.37
N LEU A 247 -21.59 -3.47 16.37
CA LEU A 247 -21.00 -4.59 15.63
C LEU A 247 -20.22 -5.54 16.53
N SER A 248 -19.55 -4.99 17.54
CA SER A 248 -18.94 -5.85 18.53
C SER A 248 -20.05 -6.70 19.13
N LEU A 249 -20.78 -6.10 20.07
CA LEU A 249 -21.87 -6.74 20.79
C LEU A 249 -22.48 -7.85 19.96
N TYR A 250 -23.50 -7.53 19.20
CA TYR A 250 -24.12 -8.51 18.32
C TYR A 250 -23.14 -9.61 17.91
N GLU A 251 -22.17 -9.26 17.08
CA GLU A 251 -21.21 -10.23 16.58
C GLU A 251 -20.63 -11.02 17.72
N THR A 252 -20.17 -10.32 18.76
CA THR A 252 -19.62 -11.01 19.92
C THR A 252 -20.66 -11.92 20.48
N GLU A 253 -21.80 -11.35 20.85
CA GLU A 253 -22.90 -12.16 21.31
C GLU A 253 -22.97 -13.43 20.48
N ARG A 254 -23.05 -13.27 19.17
CA ARG A 254 -23.09 -14.41 18.26
C ARG A 254 -22.09 -15.46 18.68
N LEU A 255 -20.81 -15.08 18.68
CA LEU A 255 -19.79 -15.96 19.21
C LEU A 255 -20.40 -16.90 20.24
N ILE A 256 -20.81 -16.35 21.37
CA ILE A 256 -21.31 -17.15 22.47
C ILE A 256 -22.21 -18.26 21.95
N GLN A 257 -23.20 -17.92 21.14
CA GLN A 257 -24.15 -18.93 20.67
C GLN A 257 -23.44 -20.18 20.13
N GLU A 258 -22.66 -20.00 19.06
CA GLU A 258 -21.92 -21.12 18.47
C GLU A 258 -21.18 -21.93 19.53
N LEU A 259 -20.64 -21.23 20.52
CA LEU A 259 -19.94 -21.92 21.59
C LEU A 259 -20.88 -22.85 22.32
N ILE A 260 -21.90 -22.27 22.97
CA ILE A 260 -22.94 -23.09 23.57
C ILE A 260 -23.30 -24.15 22.55
N SER A 261 -23.33 -23.77 21.28
CA SER A 261 -23.68 -24.71 20.22
C SER A 261 -22.70 -25.84 20.13
N TYR A 262 -21.62 -25.69 20.87
CA TYR A 262 -20.59 -26.69 20.88
C TYR A 262 -20.58 -27.31 22.26
N ASP A 263 -21.53 -26.87 23.08
CA ASP A 263 -21.60 -27.28 24.46
C ASP A 263 -20.28 -26.97 25.08
N MET A 264 -19.94 -25.69 25.10
CA MET A 264 -18.68 -25.30 25.69
C MET A 264 -18.87 -24.30 26.80
N ASP A 265 -18.30 -24.61 27.96
CA ASP A 265 -18.45 -23.74 29.08
C ASP A 265 -17.82 -22.48 28.66
N VAL A 266 -18.24 -21.37 29.26
CA VAL A 266 -17.74 -20.09 28.84
C VAL A 266 -18.24 -19.08 29.80
N ASN A 267 -17.38 -18.43 30.54
CA ASN A 267 -17.92 -17.62 31.59
C ASN A 267 -17.35 -16.23 31.66
N SER A 268 -16.74 -15.76 30.60
CA SER A 268 -16.13 -14.46 30.81
C SER A 268 -16.11 -13.44 29.68
N ILE A 269 -16.36 -12.19 30.05
CA ILE A 269 -16.37 -11.21 29.03
C ILE A 269 -15.52 -10.02 29.36
N ILE A 270 -14.61 -9.76 28.42
CA ILE A 270 -13.66 -8.69 28.47
C ILE A 270 -14.06 -7.56 27.52
N VAL A 271 -14.55 -6.47 28.09
CA VAL A 271 -14.80 -5.28 27.33
C VAL A 271 -13.65 -4.35 27.59
N ASN A 272 -13.30 -3.61 26.54
CA ASN A 272 -11.96 -3.09 26.29
C ASN A 272 -12.06 -1.69 25.71
N GLN A 273 -10.98 -0.93 25.71
CA GLN A 273 -11.02 0.36 25.06
C GLN A 273 -12.27 1.11 25.51
N LEU A 274 -12.54 1.07 26.81
CA LEU A 274 -13.63 1.84 27.37
C LEU A 274 -13.12 3.26 27.52
N LEU A 275 -13.93 4.16 28.06
CA LEU A 275 -13.56 5.57 28.12
C LEU A 275 -13.34 6.09 29.53
N PHE A 276 -14.42 6.53 30.17
CA PHE A 276 -14.38 7.06 31.53
C PHE A 276 -14.15 8.57 31.62
N ALA A 277 -14.86 9.31 30.77
CA ALA A 277 -14.68 10.76 30.67
C ALA A 277 -15.32 11.48 31.83
N GLU A 278 -14.78 11.29 33.04
CA GLU A 278 -15.30 11.93 34.23
C GLU A 278 -14.25 12.82 34.91
N CYS A 285 -12.42 15.97 26.28
CA CYS A 285 -12.93 16.68 25.11
C CYS A 285 -14.36 16.30 24.78
N LYS A 286 -15.06 17.20 24.10
CA LYS A 286 -16.49 17.07 23.89
C LYS A 286 -16.86 15.71 23.32
N ARG A 287 -16.32 15.44 22.14
CA ARG A 287 -16.59 14.22 21.43
C ARG A 287 -16.24 13.05 22.30
N CYS A 288 -15.20 13.23 23.11
CA CYS A 288 -14.87 12.25 24.11
C CYS A 288 -16.19 11.94 24.83
N GLN A 289 -16.49 12.70 25.89
CA GLN A 289 -17.70 12.48 26.69
C GLN A 289 -18.86 12.01 25.83
N ALA A 290 -18.99 12.63 24.67
CA ALA A 290 -20.00 12.20 23.70
C ALA A 290 -19.78 10.72 23.45
N ARG A 291 -18.81 10.43 22.61
CA ARG A 291 -18.35 9.08 22.42
C ARG A 291 -18.58 8.23 23.68
N TRP A 292 -18.07 8.71 24.82
CA TRP A 292 -18.24 8.02 26.09
C TRP A 292 -19.63 7.45 26.18
N LYS A 293 -20.65 8.29 26.03
CA LYS A 293 -22.02 7.83 26.13
C LYS A 293 -22.29 6.60 25.27
N MET A 294 -21.69 6.55 24.08
CA MET A 294 -21.76 5.40 23.21
C MET A 294 -21.60 4.23 24.11
N GLN A 295 -20.33 3.98 24.40
CA GLN A 295 -19.91 2.93 25.28
C GLN A 295 -20.93 2.73 26.39
N LYS A 296 -21.28 3.78 27.10
CA LYS A 296 -22.15 3.60 28.21
C LYS A 296 -23.48 3.03 27.77
N LYS A 297 -24.13 3.66 26.80
CA LYS A 297 -25.39 3.14 26.29
C LYS A 297 -25.24 1.66 26.15
N TYR A 298 -23.99 1.25 26.00
CA TYR A 298 -23.67 -0.13 25.73
C TYR A 298 -23.32 -0.98 26.96
N LEU A 299 -22.32 -0.56 27.74
CA LEU A 299 -21.90 -1.29 28.93
C LEU A 299 -23.09 -1.94 29.60
N ASP A 300 -23.99 -1.07 30.00
CA ASP A 300 -25.24 -1.51 30.55
C ASP A 300 -25.81 -2.66 29.74
N GLN A 301 -26.31 -2.39 28.54
CA GLN A 301 -26.81 -3.46 27.69
C GLN A 301 -26.31 -4.76 28.23
N ILE A 302 -24.98 -4.84 28.27
CA ILE A 302 -24.28 -6.03 28.72
C ILE A 302 -24.64 -6.39 30.15
N ASP A 303 -24.14 -5.59 31.09
CA ASP A 303 -24.43 -5.82 32.49
C ASP A 303 -25.81 -6.46 32.65
N GLU A 304 -26.85 -5.77 32.25
CA GLU A 304 -28.21 -6.32 32.39
C GLU A 304 -28.27 -7.77 32.01
N LEU A 305 -27.87 -8.07 30.78
CA LEU A 305 -27.99 -9.43 30.25
C LEU A 305 -26.78 -10.31 30.53
N TYR A 306 -26.09 -10.09 31.63
CA TYR A 306 -24.95 -10.96 31.97
C TYR A 306 -24.69 -11.07 33.46
N GLU A 307 -25.70 -10.72 34.26
CA GLU A 307 -25.60 -10.80 35.71
C GLU A 307 -24.64 -11.91 36.11
N ASP A 308 -24.91 -13.09 35.58
CA ASP A 308 -24.24 -14.32 35.97
C ASP A 308 -22.86 -14.47 35.36
N PHE A 309 -22.39 -13.41 34.73
CA PHE A 309 -21.15 -13.44 33.96
C PHE A 309 -19.99 -12.68 34.61
N HIS A 310 -18.77 -13.10 34.30
CA HIS A 310 -17.60 -12.29 34.54
C HIS A 310 -17.54 -11.27 33.42
N VAL A 311 -18.34 -10.21 33.52
CA VAL A 311 -18.31 -9.15 32.54
C VAL A 311 -17.29 -8.15 33.02
N VAL A 312 -16.08 -8.26 32.50
CA VAL A 312 -14.97 -7.48 33.02
C VAL A 312 -14.66 -6.17 32.31
N LYS A 313 -15.16 -5.08 32.86
CA LYS A 313 -14.84 -3.80 32.28
C LYS A 313 -13.33 -3.59 32.35
N MET A 314 -12.78 -2.98 31.30
CA MET A 314 -11.35 -2.64 31.25
C MET A 314 -11.08 -1.28 30.56
N PRO A 315 -10.11 -0.48 31.08
CA PRO A 315 -9.89 0.90 30.66
C PRO A 315 -8.97 0.97 29.45
N LEU A 316 -8.74 2.18 28.94
CA LEU A 316 -7.98 2.31 27.70
C LEU A 316 -6.82 3.31 27.79
N CYS A 317 -5.62 2.76 27.98
CA CYS A 317 -4.41 3.57 28.05
C CYS A 317 -3.98 4.03 26.67
N ALA A 318 -3.58 5.30 26.54
CA ALA A 318 -3.28 5.85 25.22
C ALA A 318 -2.19 5.11 24.45
N GLY A 319 -2.59 4.60 23.30
CA GLY A 319 -1.68 4.18 22.26
C GLY A 319 -0.78 3.06 22.63
N GLU A 320 0.02 2.69 21.66
CA GLU A 320 0.75 1.46 21.75
C GLU A 320 1.08 1.06 23.16
N ILE A 321 1.09 -0.23 23.33
CA ILE A 321 1.21 -0.81 24.62
C ILE A 321 1.71 -2.21 24.34
N ARG A 322 2.98 -2.38 24.63
CA ARG A 322 3.63 -3.63 24.45
C ARG A 322 4.80 -3.59 25.39
N GLY A 323 5.81 -4.39 25.09
CA GLY A 323 6.94 -4.50 25.97
C GLY A 323 6.46 -5.13 27.25
N LEU A 324 6.91 -6.36 27.46
CA LEU A 324 6.51 -7.11 28.63
C LEU A 324 6.37 -6.18 29.81
N ASN A 325 7.27 -5.22 29.93
CA ASN A 325 7.13 -4.21 30.96
C ASN A 325 5.71 -3.68 30.91
N ASN A 326 5.46 -2.81 29.92
CA ASN A 326 4.16 -2.15 29.80
C ASN A 326 2.99 -3.15 30.02
N LEU A 327 3.15 -4.34 29.44
CA LEU A 327 2.08 -5.36 29.47
C LEU A 327 1.70 -5.86 30.87
N THR A 328 2.65 -6.46 31.57
CA THR A 328 2.41 -6.90 32.93
C THR A 328 1.65 -5.82 33.68
N LYS A 329 2.32 -4.71 33.94
CA LYS A 329 1.76 -3.56 34.66
C LYS A 329 0.37 -3.13 34.18
N PHE A 330 -0.03 -3.70 33.05
CA PHE A 330 -1.38 -3.55 32.54
C PHE A 330 -2.24 -4.62 33.19
N SER A 331 -1.99 -5.87 32.79
CA SER A 331 -2.81 -7.01 33.16
C SER A 331 -3.23 -7.06 34.60
N GLN A 332 -2.50 -6.35 35.46
CA GLN A 332 -2.89 -6.31 36.86
C GLN A 332 -4.39 -6.07 36.93
N PHE A 333 -4.90 -5.29 35.98
CA PHE A 333 -6.29 -4.86 36.00
C PHE A 333 -7.26 -5.89 35.53
N LEU A 334 -6.70 -7.01 35.12
CA LEU A 334 -7.46 -8.22 34.92
C LEU A 334 -7.76 -8.90 36.24
N ASN A 335 -7.23 -8.32 37.32
CA ASN A 335 -7.45 -8.81 38.66
C ASN A 335 -8.26 -7.78 39.39
N LYS A 336 -7.56 -6.87 40.04
CA LYS A 336 -8.19 -5.69 40.57
C LYS A 336 -8.72 -4.92 39.38
N GLU A 337 -9.90 -5.30 38.91
CA GLU A 337 -10.51 -4.60 37.79
C GLU A 337 -10.29 -3.13 38.06
N TYR A 338 -9.44 -2.56 37.23
CA TYR A 338 -9.09 -1.15 37.27
C TYR A 338 -10.24 -0.29 37.76
N ASN A 339 -9.92 0.66 38.62
CA ASN A 339 -10.83 1.77 38.91
C ASN A 339 -10.28 3.18 38.58
N PRO A 340 -11.04 3.95 37.76
CA PRO A 340 -10.58 5.22 37.16
C PRO A 340 -10.03 6.14 38.23
N ILE A 341 -10.92 6.42 39.17
CA ILE A 341 -10.66 7.34 40.25
C ILE A 341 -9.40 6.96 41.01
N THR A 342 -9.29 5.70 41.42
CA THR A 342 -8.17 5.26 42.25
C THR A 342 -6.94 4.98 41.45
N ASP A 343 -7.01 3.87 40.73
CA ASP A 343 -5.91 3.39 39.94
C ASP A 343 -5.63 4.27 38.73
N GLY A 344 -6.14 5.50 38.74
CA GLY A 344 -6.04 6.36 37.57
C GLY A 344 -4.65 6.91 37.28
N LYS A 345 -3.79 6.85 38.28
CA LYS A 345 -2.43 7.33 38.13
C LYS A 345 -1.68 6.38 37.21
N VAL A 346 -1.77 5.11 37.54
CA VAL A 346 -1.04 4.05 36.85
C VAL A 346 -1.21 4.05 35.34
N ILE A 347 -2.25 4.74 34.87
CA ILE A 347 -2.63 4.67 33.47
C ILE A 347 -1.66 5.34 32.49
N TYR A 348 -1.57 6.65 32.58
CA TYR A 348 -0.72 7.44 31.69
C TYR A 348 0.72 6.94 31.72
N GLU A 349 0.95 5.87 32.46
CA GLU A 349 2.28 5.31 32.64
C GLU A 349 2.75 4.60 31.38
N LEU A 350 1.81 4.00 30.68
CA LEU A 350 2.10 3.30 29.45
C LEU A 350 1.73 4.17 28.28
N GLU A 351 1.44 5.45 28.57
CA GLU A 351 1.10 6.43 27.55
C GLU A 351 2.26 7.39 27.35
N ASP A 352 3.30 6.96 26.64
CA ASP A 352 4.47 7.81 26.41
C ASP A 352 5.17 7.47 25.10
N THR B 4 5.19 14.45 -4.86
CA THR B 4 4.05 14.81 -4.03
C THR B 4 2.76 14.56 -4.77
N VAL B 5 2.06 13.49 -4.39
CA VAL B 5 0.79 13.17 -5.02
C VAL B 5 -0.36 13.46 -4.10
N GLU B 6 -1.54 12.95 -4.46
CA GLU B 6 -2.78 13.36 -3.82
C GLU B 6 -3.29 12.49 -2.68
N PRO B 7 -3.83 13.14 -1.63
CA PRO B 7 -4.50 12.53 -0.49
C PRO B 7 -5.99 12.60 -0.75
N ASN B 8 -6.53 11.51 -1.26
CA ASN B 8 -7.93 11.38 -1.57
C ASN B 8 -7.94 10.11 -2.33
N LEU B 9 -9.09 9.79 -2.88
CA LEU B 9 -9.15 8.77 -3.90
C LEU B 9 -10.02 9.30 -5.02
N HIS B 10 -10.31 10.59 -4.93
CA HIS B 10 -11.00 11.29 -6.00
C HIS B 10 -10.48 10.75 -7.29
N SER B 11 -9.20 10.96 -7.51
CA SER B 11 -8.54 10.48 -8.70
C SER B 11 -9.08 9.09 -9.11
N LEU B 12 -9.44 8.30 -8.12
CA LEU B 12 -9.96 6.98 -8.43
C LEU B 12 -11.47 6.93 -8.37
N ILE B 13 -12.07 7.72 -7.50
CA ILE B 13 -13.51 7.73 -7.41
C ILE B 13 -14.09 7.75 -8.82
N THR B 14 -13.26 8.18 -9.78
CA THR B 14 -13.72 8.41 -11.15
C THR B 14 -12.98 7.62 -12.23
N SER B 15 -12.20 6.62 -11.86
CA SER B 15 -11.66 5.72 -12.88
C SER B 15 -12.80 5.20 -13.72
N THR B 16 -12.49 4.83 -14.94
CA THR B 16 -13.53 4.52 -15.89
C THR B 16 -13.23 3.13 -16.39
N THR B 17 -12.05 2.70 -16.02
CA THR B 17 -11.47 1.51 -16.57
C THR B 17 -11.19 0.56 -15.44
N HIS B 18 -11.63 0.95 -14.24
CA HIS B 18 -11.53 0.07 -13.09
C HIS B 18 -12.78 -0.78 -12.86
N LYS B 19 -12.72 -2.06 -13.20
CA LYS B 19 -13.86 -2.95 -13.02
C LYS B 19 -13.61 -3.91 -11.88
N TRP B 20 -12.62 -3.58 -11.05
CA TRP B 20 -12.21 -4.42 -9.94
C TRP B 20 -11.32 -3.71 -8.92
N ILE B 21 -11.84 -3.50 -7.72
CA ILE B 21 -11.09 -2.84 -6.66
C ILE B 21 -11.01 -3.70 -5.42
N PHE B 22 -9.80 -3.93 -4.88
CA PHE B 22 -9.67 -4.71 -3.65
C PHE B 22 -9.32 -3.92 -2.39
N VAL B 23 -10.14 -4.05 -1.37
CA VAL B 23 -9.97 -3.30 -0.14
C VAL B 23 -9.86 -4.21 1.03
N GLY B 24 -8.94 -3.94 1.94
CA GLY B 24 -8.74 -4.80 3.10
C GLY B 24 -8.01 -4.05 4.17
N GLY B 25 -7.53 -4.76 5.18
CA GLY B 25 -6.66 -4.17 6.18
C GLY B 25 -6.63 -5.02 7.44
N LYS B 26 -5.71 -5.97 7.50
CA LYS B 26 -5.64 -6.88 8.64
C LYS B 26 -5.81 -6.10 9.93
N GLY B 27 -7.02 -6.14 10.46
CA GLY B 27 -7.33 -5.42 11.67
C GLY B 27 -8.76 -4.95 11.74
N GLY B 28 -9.19 -4.68 12.95
CA GLY B 28 -10.41 -3.92 13.20
C GLY B 28 -9.92 -2.52 13.12
N VAL B 29 -9.38 -2.21 11.96
CA VAL B 29 -8.89 -0.89 11.66
C VAL B 29 -10.06 -0.18 11.04
N GLY B 30 -11.03 -0.98 10.63
CA GLY B 30 -12.15 -0.42 9.92
C GLY B 30 -11.85 -0.16 8.46
N LYS B 31 -12.28 -1.10 7.63
CA LYS B 31 -12.09 -1.06 6.19
C LYS B 31 -13.43 -1.53 5.66
N THR B 32 -14.30 -1.97 6.58
CA THR B 32 -15.61 -2.44 6.26
C THR B 32 -16.33 -1.24 5.69
N THR B 33 -16.25 -0.14 6.44
CA THR B 33 -16.86 1.16 6.11
C THR B 33 -16.14 1.84 5.01
N SER B 34 -14.82 1.71 5.10
CA SER B 34 -14.01 1.83 3.92
C SER B 34 -14.86 1.20 2.79
N SER B 35 -14.79 -0.13 2.61
CA SER B 35 -15.46 -0.86 1.50
C SER B 35 -16.74 -0.18 1.02
N CYS B 36 -17.39 0.50 1.96
CA CYS B 36 -18.52 1.34 1.68
C CYS B 36 -18.10 2.69 1.19
N SER B 37 -17.69 3.55 2.12
CA SER B 37 -17.44 4.95 1.77
C SER B 37 -16.81 5.11 0.38
N ILE B 38 -16.19 4.05 -0.12
CA ILE B 38 -15.72 3.98 -1.50
C ILE B 38 -16.83 3.63 -2.50
N ALA B 39 -17.36 2.42 -2.43
CA ALA B 39 -18.51 2.09 -3.29
C ALA B 39 -19.66 3.10 -3.20
N ILE B 40 -19.47 4.16 -2.44
CA ILE B 40 -20.44 5.23 -2.43
C ILE B 40 -19.94 6.28 -3.37
N GLN B 41 -18.82 6.89 -3.04
CA GLN B 41 -18.30 7.97 -3.85
C GLN B 41 -18.27 7.64 -5.33
N MET B 42 -18.29 6.36 -5.69
CA MET B 42 -18.23 6.00 -7.11
C MET B 42 -19.55 6.24 -7.85
N ALA B 43 -20.57 5.44 -7.52
CA ALA B 43 -21.88 5.59 -8.11
C ALA B 43 -22.31 7.07 -8.20
N LEU B 44 -22.27 7.78 -7.07
CA LEU B 44 -22.59 9.20 -7.06
C LEU B 44 -22.02 9.86 -8.30
N SER B 45 -20.72 9.71 -8.47
CA SER B 45 -20.02 10.45 -9.49
C SER B 45 -19.78 9.59 -10.72
N GLN B 46 -20.66 8.64 -10.97
CA GLN B 46 -20.61 7.88 -12.22
C GLN B 46 -21.91 7.13 -12.40
N PRO B 47 -23.02 7.75 -11.98
CA PRO B 47 -24.32 7.09 -11.76
C PRO B 47 -24.78 6.24 -12.95
N ASN B 48 -24.20 6.47 -14.10
CA ASN B 48 -24.52 5.65 -15.24
C ASN B 48 -23.70 4.39 -15.14
N LYS B 49 -23.19 4.15 -13.96
CA LYS B 49 -22.47 2.92 -13.68
C LYS B 49 -23.15 2.13 -12.60
N GLN B 50 -23.79 1.03 -12.99
CA GLN B 50 -24.22 0.03 -12.04
C GLN B 50 -22.99 -0.57 -11.35
N PHE B 51 -22.79 -0.20 -10.10
CA PHE B 51 -21.70 -0.73 -9.31
C PHE B 51 -22.20 -1.81 -8.37
N LEU B 52 -21.26 -2.53 -7.76
CA LEU B 52 -21.55 -3.66 -6.90
C LEU B 52 -20.49 -3.87 -5.81
N LEU B 53 -20.91 -3.81 -4.55
CA LEU B 53 -20.01 -4.03 -3.42
C LEU B 53 -20.45 -5.24 -2.57
N ILE B 54 -19.57 -6.23 -2.44
CA ILE B 54 -19.88 -7.48 -1.75
C ILE B 54 -18.86 -7.82 -0.67
N SER B 55 -19.22 -8.72 0.24
CA SER B 55 -18.27 -9.16 1.26
C SER B 55 -18.32 -10.64 1.57
N THR B 56 -17.17 -11.16 1.95
CA THR B 56 -17.04 -12.55 2.30
C THR B 56 -17.04 -12.67 3.81
N ASP B 57 -16.80 -11.55 4.49
CA ASP B 57 -16.82 -11.58 5.95
C ASP B 57 -18.11 -12.19 6.33
N PRO B 58 -18.03 -13.42 6.76
CA PRO B 58 -19.20 -14.11 7.26
C PRO B 58 -20.06 -13.14 8.07
N ALA B 59 -19.42 -12.33 8.92
CA ALA B 59 -20.12 -11.52 9.94
C ALA B 59 -21.37 -10.79 9.45
N HIS B 60 -21.54 -10.74 8.13
CA HIS B 60 -22.58 -9.95 7.52
C HIS B 60 -22.47 -8.51 8.03
N ASN B 61 -21.24 -8.03 8.01
CA ASN B 61 -20.88 -6.68 8.44
C ASN B 61 -21.48 -5.59 7.58
N LEU B 62 -21.51 -5.80 6.27
CA LEU B 62 -22.01 -4.79 5.36
C LEU B 62 -23.36 -4.27 5.84
N SER B 63 -24.41 -5.03 5.55
CA SER B 63 -25.77 -4.71 5.94
C SER B 63 -25.75 -4.08 7.30
N ASP B 64 -25.14 -4.79 8.22
CA ASP B 64 -24.97 -4.30 9.55
C ASP B 64 -24.55 -2.83 9.47
N ALA B 65 -23.38 -2.60 8.88
CA ALA B 65 -22.82 -1.26 8.76
C ALA B 65 -23.75 -0.37 7.94
N PHE B 66 -24.87 -0.95 7.54
CA PHE B 66 -25.82 -0.26 6.66
C PHE B 66 -27.20 -0.13 7.28
N GLY B 67 -27.43 -0.80 8.40
CA GLY B 67 -28.75 -0.79 9.02
C GLY B 67 -29.81 -1.18 8.01
N GLU B 68 -29.47 -2.15 7.18
CA GLU B 68 -30.33 -2.63 6.08
C GLU B 68 -29.76 -3.97 5.62
N LYS B 69 -30.60 -5.00 5.50
CA LYS B 69 -30.08 -6.35 5.30
C LYS B 69 -29.78 -6.70 3.84
N PHE B 70 -28.68 -7.42 3.60
CA PHE B 70 -28.34 -7.92 2.26
C PHE B 70 -27.99 -9.40 2.28
N GLY B 71 -28.00 -10.01 1.11
CA GLY B 71 -27.85 -11.44 1.05
C GLY B 71 -27.44 -12.07 -0.27
N LYS B 72 -27.76 -13.36 -0.42
CA LYS B 72 -27.23 -14.21 -1.49
CA LYS B 72 -27.23 -14.20 -1.49
C LYS B 72 -27.35 -13.60 -2.89
N ASP B 73 -27.98 -12.45 -3.00
CA ASP B 73 -28.16 -11.89 -4.32
C ASP B 73 -28.22 -10.39 -4.40
N ALA B 74 -27.72 -9.88 -5.52
CA ALA B 74 -27.54 -8.45 -5.72
C ALA B 74 -28.78 -7.70 -5.40
N ARG B 75 -28.65 -6.75 -4.48
CA ARG B 75 -29.76 -5.87 -4.17
C ARG B 75 -29.34 -4.40 -4.20
N LYS B 76 -29.90 -3.66 -5.14
CA LYS B 76 -29.71 -2.22 -5.24
C LYS B 76 -29.89 -1.59 -3.87
N VAL B 77 -28.91 -0.83 -3.43
CA VAL B 77 -29.02 -0.11 -2.17
C VAL B 77 -30.39 0.53 -2.05
N THR B 78 -30.82 0.79 -0.83
CA THR B 78 -32.03 1.54 -0.65
C THR B 78 -31.73 3.01 -0.48
N GLY B 79 -31.83 3.72 -1.61
CA GLY B 79 -31.55 5.14 -1.65
C GLY B 79 -30.85 5.51 -2.95
N MET B 80 -30.36 4.52 -3.69
CA MET B 80 -29.67 4.77 -4.94
C MET B 80 -30.16 3.83 -6.05
N ASN B 81 -29.64 4.00 -7.25
CA ASN B 81 -30.14 3.25 -8.39
C ASN B 81 -29.02 2.74 -9.25
N ASN B 82 -27.90 2.42 -8.62
CA ASN B 82 -26.66 2.17 -9.33
C ASN B 82 -25.56 1.58 -8.44
N LEU B 83 -25.81 1.55 -7.13
CA LEU B 83 -24.89 0.95 -6.17
C LEU B 83 -25.54 -0.25 -5.49
N SER B 84 -25.25 -1.44 -5.97
CA SER B 84 -25.85 -2.62 -5.36
C SER B 84 -24.92 -3.20 -4.31
N CYS B 85 -25.41 -4.16 -3.52
CA CYS B 85 -24.62 -4.80 -2.48
C CYS B 85 -25.04 -6.26 -2.29
N MET B 86 -24.08 -7.12 -2.00
CA MET B 86 -24.36 -8.53 -1.98
C MET B 86 -23.49 -9.27 -1.00
N GLU B 87 -24.10 -9.79 0.07
CA GLU B 87 -23.38 -10.58 1.06
C GLU B 87 -23.40 -12.09 0.77
N GLY B 131 -7.49 -32.17 -2.94
CA GLY B 131 -6.39 -31.29 -3.28
C GLY B 131 -5.91 -30.44 -2.12
N SER B 132 -4.67 -30.67 -1.70
CA SER B 132 -4.14 -30.04 -0.50
C SER B 132 -3.24 -28.85 -0.82
N ILE B 133 -3.01 -28.63 -2.10
CA ILE B 133 -2.05 -27.63 -2.52
C ILE B 133 -2.49 -26.20 -2.20
N PRO B 134 -1.52 -25.27 -2.17
CA PRO B 134 -1.70 -23.83 -1.94
C PRO B 134 -2.44 -23.14 -3.07
N GLY B 135 -2.88 -21.92 -2.81
CA GLY B 135 -3.59 -21.12 -3.79
C GLY B 135 -4.93 -21.73 -4.12
N ILE B 136 -4.89 -23.01 -4.47
CA ILE B 136 -6.08 -23.80 -4.73
C ILE B 136 -7.35 -23.18 -4.21
N ASP B 137 -7.85 -23.70 -3.10
CA ASP B 137 -9.08 -23.25 -2.49
C ASP B 137 -9.33 -21.78 -2.82
N GLU B 138 -8.39 -20.94 -2.42
CA GLU B 138 -8.48 -19.51 -2.61
C GLU B 138 -9.10 -19.15 -3.96
N ALA B 139 -8.49 -19.62 -5.03
CA ALA B 139 -8.97 -19.30 -6.36
C ALA B 139 -10.39 -19.73 -6.46
N LEU B 140 -10.61 -21.02 -6.64
CA LEU B 140 -11.96 -21.56 -6.75
C LEU B 140 -12.92 -20.69 -5.97
N SER B 141 -12.65 -20.58 -4.67
CA SER B 141 -13.41 -19.72 -3.79
C SER B 141 -13.91 -18.59 -4.64
N PHE B 142 -12.98 -17.71 -4.99
CA PHE B 142 -13.18 -16.73 -6.03
C PHE B 142 -13.96 -17.39 -7.18
N MET B 143 -13.23 -18.02 -8.10
CA MET B 143 -13.83 -18.62 -9.28
C MET B 143 -15.35 -18.73 -9.21
N GLU B 144 -15.84 -19.65 -8.39
CA GLU B 144 -17.28 -19.82 -8.25
C GLU B 144 -17.94 -18.46 -8.17
N VAL B 145 -17.33 -17.56 -7.41
CA VAL B 145 -17.86 -16.22 -7.30
C VAL B 145 -18.15 -15.65 -8.68
N MET B 146 -17.11 -15.57 -9.51
CA MET B 146 -17.25 -15.12 -10.90
C MET B 146 -18.64 -15.49 -11.38
N LYS B 147 -18.76 -16.77 -11.75
CA LYS B 147 -20.01 -17.33 -12.21
C LYS B 147 -21.18 -16.88 -11.35
N HIS B 148 -21.10 -17.08 -10.04
CA HIS B 148 -22.22 -16.74 -9.17
C HIS B 148 -22.61 -15.29 -9.34
N ILE B 149 -21.63 -14.48 -9.71
CA ILE B 149 -21.87 -13.07 -9.95
C ILE B 149 -22.52 -12.85 -11.31
N LYS B 150 -21.99 -13.50 -12.35
CA LYS B 150 -22.47 -13.29 -13.70
C LYS B 150 -23.88 -13.78 -13.85
N ARG B 151 -24.20 -14.85 -13.14
CA ARG B 151 -25.59 -15.26 -12.99
C ARG B 151 -26.32 -13.96 -12.68
N GLN B 152 -25.89 -13.32 -11.61
CA GLN B 152 -26.65 -12.24 -11.00
C GLN B 152 -26.79 -10.98 -11.86
N GLU B 153 -25.99 -10.87 -12.92
CA GLU B 153 -26.12 -9.74 -13.85
C GLU B 153 -27.00 -10.13 -15.03
N GLN B 154 -26.73 -11.33 -15.53
CA GLN B 154 -27.48 -11.89 -16.64
C GLN B 154 -28.93 -12.15 -16.22
N GLY B 155 -29.10 -13.04 -15.26
CA GLY B 155 -30.41 -13.40 -14.76
C GLY B 155 -31.06 -12.18 -14.20
N GLU B 156 -30.23 -11.20 -13.87
CA GLU B 156 -30.73 -9.91 -13.49
C GLU B 156 -31.27 -9.22 -14.72
N GLY B 157 -30.40 -9.14 -15.73
CA GLY B 157 -30.66 -8.32 -16.89
C GLY B 157 -29.69 -7.15 -16.82
N GLU B 158 -29.97 -6.20 -15.95
CA GLU B 158 -29.09 -5.05 -15.77
C GLU B 158 -27.71 -5.54 -15.36
N THR B 159 -26.67 -4.88 -15.87
CA THR B 159 -25.31 -5.32 -15.63
C THR B 159 -24.50 -4.32 -14.81
N PHE B 160 -23.46 -4.84 -14.17
CA PHE B 160 -22.61 -4.03 -13.30
C PHE B 160 -21.39 -3.53 -14.04
N ASP B 161 -20.88 -2.39 -13.58
CA ASP B 161 -19.77 -1.72 -14.24
C ASP B 161 -18.47 -1.84 -13.45
N THR B 162 -18.45 -1.31 -12.23
CA THR B 162 -17.27 -1.43 -11.39
C THR B 162 -17.64 -2.20 -10.14
N VAL B 163 -16.79 -3.19 -9.76
CA VAL B 163 -17.00 -4.08 -8.58
C VAL B 163 -16.03 -3.84 -7.38
N ILE B 164 -16.57 -3.71 -6.17
CA ILE B 164 -15.76 -3.31 -5.03
C ILE B 164 -15.68 -4.36 -3.94
N PHE B 165 -14.48 -4.81 -3.59
CA PHE B 165 -14.31 -5.90 -2.61
C PHE B 165 -13.96 -5.48 -1.18
N ASP B 166 -14.16 -6.45 -0.28
CA ASP B 166 -14.07 -6.24 1.16
C ASP B 166 -13.35 -7.50 1.67
N THR B 167 -12.04 -7.62 1.38
CA THR B 167 -11.25 -8.82 1.70
C THR B 167 -11.53 -9.29 3.09
N ALA B 168 -11.86 -10.56 3.22
CA ALA B 168 -12.22 -11.10 4.52
C ALA B 168 -11.35 -10.49 5.62
N PRO B 169 -11.94 -10.32 6.81
CA PRO B 169 -11.12 -9.83 7.92
C PRO B 169 -9.92 -10.75 8.00
N THR B 170 -10.09 -11.96 7.48
CA THR B 170 -9.03 -12.97 7.42
C THR B 170 -8.01 -12.64 6.34
N GLY B 171 -8.05 -11.40 5.90
CA GLY B 171 -7.21 -10.93 4.81
C GLY B 171 -7.80 -11.28 3.46
N HIS B 172 -7.00 -11.96 2.64
CA HIS B 172 -7.27 -12.17 1.23
C HIS B 172 -6.97 -13.62 0.89
N THR B 173 -7.83 -14.20 0.06
CA THR B 173 -7.68 -15.57 -0.45
C THR B 173 -7.26 -15.52 -1.93
N LEU B 174 -6.82 -14.34 -2.37
CA LEU B 174 -6.47 -14.08 -3.77
C LEU B 174 -5.01 -14.39 -4.09
N ARG B 175 -4.33 -14.99 -3.11
CA ARG B 175 -2.91 -15.31 -3.21
C ARG B 175 -2.55 -16.34 -4.29
N PHE B 176 -3.54 -17.07 -4.78
CA PHE B 176 -3.29 -18.17 -5.71
C PHE B 176 -2.57 -17.75 -7.01
N LEU B 177 -2.96 -16.63 -7.61
CA LEU B 177 -2.23 -16.14 -8.78
C LEU B 177 -0.72 -16.30 -8.62
N GLN B 178 -0.23 -15.99 -7.44
CA GLN B 178 1.20 -16.10 -7.15
C GLN B 178 1.46 -17.58 -7.34
N LEU B 179 0.47 -18.34 -6.91
CA LEU B 179 0.48 -19.80 -7.00
C LEU B 179 0.55 -20.47 -8.39
N PRO B 180 -0.11 -19.97 -9.43
CA PRO B 180 0.02 -20.70 -10.71
C PRO B 180 1.41 -20.86 -11.35
N ASN B 181 2.21 -19.81 -11.38
CA ASN B 181 3.55 -19.86 -11.96
C ASN B 181 4.36 -21.03 -11.39
N THR B 182 4.25 -21.26 -10.08
CA THR B 182 4.93 -22.38 -9.45
C THR B 182 4.46 -23.70 -10.08
N LEU B 183 3.14 -23.89 -10.11
CA LEU B 183 2.57 -25.11 -10.69
C LEU B 183 3.06 -25.32 -12.10
N SER B 184 3.47 -24.24 -12.74
CA SER B 184 3.92 -24.37 -14.12
C SER B 184 5.31 -24.98 -14.18
N LYS B 185 6.22 -24.48 -13.35
CA LYS B 185 7.61 -24.95 -13.36
C LYS B 185 7.64 -26.44 -13.12
N LEU B 186 6.72 -26.90 -12.29
CA LEU B 186 6.81 -28.27 -11.82
C LEU B 186 5.99 -29.22 -12.68
N LEU B 187 5.09 -28.67 -13.47
CA LEU B 187 4.43 -29.43 -14.51
C LEU B 187 5.50 -29.89 -15.48
N GLU B 188 6.48 -29.02 -15.70
CA GLU B 188 7.60 -29.34 -16.59
C GLU B 188 8.56 -30.29 -15.90
N LYS B 189 8.95 -29.96 -14.66
CA LYS B 189 9.78 -30.83 -13.85
C LYS B 189 9.25 -32.26 -14.00
N PHE B 190 7.95 -32.41 -13.84
CA PHE B 190 7.29 -33.71 -13.91
C PHE B 190 7.24 -34.24 -15.33
N GLY B 191 7.05 -33.32 -16.28
CA GLY B 191 7.05 -33.71 -17.68
C GLY B 191 8.40 -34.23 -18.16
N ILE B 212 -4.83 -34.35 -16.51
CA ILE B 212 -3.86 -33.51 -15.83
C ILE B 212 -3.57 -32.25 -16.64
N SER B 213 -3.35 -32.41 -17.94
CA SER B 213 -3.17 -31.28 -18.85
C SER B 213 -4.39 -30.37 -18.86
N GLY B 214 -5.56 -30.98 -18.87
CA GLY B 214 -6.80 -30.22 -18.87
C GLY B 214 -6.84 -29.22 -17.73
N LYS B 215 -6.85 -29.72 -16.51
CA LYS B 215 -6.93 -28.89 -15.32
C LYS B 215 -5.91 -27.76 -15.34
N LEU B 216 -4.67 -28.10 -15.70
CA LEU B 216 -3.58 -27.12 -15.69
C LEU B 216 -3.85 -25.97 -16.65
N ASN B 217 -4.24 -26.30 -17.87
CA ASN B 217 -4.59 -25.27 -18.84
C ASN B 217 -5.77 -24.40 -18.40
N GLU B 218 -6.74 -25.02 -17.73
CA GLU B 218 -7.93 -24.33 -17.25
C GLU B 218 -7.50 -23.28 -16.22
N LEU B 219 -6.73 -23.72 -15.23
CA LEU B 219 -6.21 -22.83 -14.21
C LEU B 219 -5.50 -21.63 -14.82
N LYS B 220 -4.63 -21.89 -15.79
CA LYS B 220 -3.84 -20.84 -16.44
C LYS B 220 -4.77 -19.85 -17.09
N ALA B 221 -5.68 -20.40 -17.87
CA ALA B 221 -6.75 -19.66 -18.51
C ALA B 221 -7.43 -18.72 -17.52
N ASN B 222 -8.12 -19.32 -16.57
CA ASN B 222 -8.81 -18.57 -15.54
C ASN B 222 -7.94 -17.45 -14.98
N VAL B 223 -6.72 -17.78 -14.58
CA VAL B 223 -5.82 -16.83 -13.93
C VAL B 223 -5.47 -15.71 -14.86
N GLU B 224 -5.17 -16.06 -16.10
CA GLU B 224 -4.90 -15.06 -17.14
C GLU B 224 -6.08 -14.13 -17.35
N THR B 225 -7.29 -14.68 -17.32
CA THR B 225 -8.45 -13.84 -17.49
C THR B 225 -8.37 -13.06 -16.20
N ILE B 226 -8.11 -13.79 -15.13
CA ILE B 226 -7.97 -13.23 -13.79
C ILE B 226 -6.68 -12.45 -13.61
N ARG B 227 -5.58 -13.03 -14.12
CA ARG B 227 -4.27 -12.39 -14.01
C ARG B 227 -4.19 -11.08 -14.80
N GLN B 228 -4.66 -11.13 -16.04
CA GLN B 228 -4.64 -9.94 -16.87
C GLN B 228 -5.61 -9.03 -16.15
N GLN B 229 -6.55 -9.80 -16.28
CA GLN B 229 -7.28 -8.58 -15.97
C GLN B 229 -6.72 -7.84 -14.76
N PHE B 230 -6.47 -8.57 -13.68
CA PHE B 230 -6.12 -7.96 -12.42
C PHE B 230 -4.80 -7.25 -12.43
N THR B 231 -3.95 -7.68 -13.35
CA THR B 231 -2.54 -7.32 -13.40
C THR B 231 -2.29 -5.99 -14.14
N ASP B 232 -3.26 -5.61 -14.97
CA ASP B 232 -3.30 -4.28 -15.52
C ASP B 232 -3.74 -3.37 -14.42
N PRO B 233 -2.88 -2.47 -14.04
CA PRO B 233 -3.19 -1.45 -13.06
C PRO B 233 -4.42 -0.58 -13.42
N ASP B 234 -5.14 -0.85 -14.50
CA ASP B 234 -6.23 0.08 -14.90
C ASP B 234 -7.68 -0.39 -14.68
N LEU B 235 -7.88 -1.69 -14.52
CA LEU B 235 -9.21 -2.21 -14.26
C LEU B 235 -9.33 -2.58 -12.81
N THR B 236 -8.18 -2.65 -12.15
CA THR B 236 -8.09 -3.25 -10.84
C THR B 236 -6.90 -2.68 -10.10
N THR B 237 -7.08 -2.45 -8.81
CA THR B 237 -5.98 -1.99 -7.98
C THR B 237 -6.52 -2.07 -6.59
N PHE B 238 -5.74 -1.62 -5.61
CA PHE B 238 -5.89 -2.16 -4.26
C PHE B 238 -5.67 -1.15 -3.16
N VAL B 239 -6.74 -0.62 -2.62
CA VAL B 239 -6.67 0.30 -1.49
C VAL B 239 -6.62 -0.54 -0.25
N CYS B 240 -5.95 -0.07 0.80
CA CYS B 240 -5.96 -0.81 2.05
C CYS B 240 -6.14 0.14 3.18
N VAL B 241 -6.81 -0.33 4.22
CA VAL B 241 -7.10 0.51 5.34
C VAL B 241 -6.24 0.09 6.51
N CYS B 242 -5.94 1.00 7.41
CA CYS B 242 -5.04 0.68 8.48
C CYS B 242 -4.70 1.94 9.24
N ILE B 243 -4.55 1.84 10.54
CA ILE B 243 -4.50 3.04 11.37
C ILE B 243 -3.15 3.30 11.97
N SER B 244 -3.10 4.26 12.89
CA SER B 244 -1.84 4.80 13.32
C SER B 244 -1.34 4.08 14.52
N GLU B 245 -0.98 2.83 14.35
CA GLU B 245 -0.43 2.07 15.45
C GLU B 245 0.50 0.92 15.00
N PHE B 246 1.56 0.73 15.76
CA PHE B 246 2.56 -0.27 15.47
C PHE B 246 1.95 -1.45 14.72
N LEU B 247 1.07 -2.19 15.38
CA LEU B 247 0.55 -3.44 14.83
C LEU B 247 -0.13 -3.19 13.53
N SER B 248 -0.84 -2.09 13.41
CA SER B 248 -1.40 -1.75 12.12
C SER B 248 -0.22 -1.69 11.17
N LEU B 249 0.50 -0.58 11.24
CA LEU B 249 1.59 -0.27 10.34
C LEU B 249 2.26 -1.51 9.81
N TYR B 250 3.22 -2.01 10.58
CA TYR B 250 3.90 -3.25 10.29
C TYR B 250 3.00 -4.20 9.54
N GLU B 251 2.02 -4.75 10.24
CA GLU B 251 1.12 -5.70 9.63
C GLU B 251 0.60 -5.17 8.29
N THR B 252 0.10 -3.94 8.29
CA THR B 252 -0.41 -3.37 7.06
C THR B 252 0.70 -3.38 6.05
N GLU B 253 1.81 -2.75 6.41
CA GLU B 253 2.97 -2.76 5.54
C GLU B 253 3.10 -4.12 4.90
N ARG B 254 3.15 -5.13 5.74
CA ARG B 254 3.25 -6.50 5.28
C ARG B 254 2.34 -6.69 4.10
N LEU B 255 1.04 -6.54 4.35
CA LEU B 255 0.07 -6.62 3.27
C LEU B 255 0.75 -6.24 1.96
N ILE B 256 1.16 -4.99 1.87
CA ILE B 256 1.68 -4.49 0.63
C ILE B 256 2.63 -5.51 0.02
N GLN B 257 3.59 -5.98 0.79
CA GLN B 257 4.61 -6.86 0.23
C GLN B 257 3.96 -8.00 -0.55
N GLU B 258 3.14 -8.80 0.13
CA GLU B 258 2.49 -9.94 -0.51
C GLU B 258 1.81 -9.50 -1.80
N LEU B 259 1.23 -8.31 -1.79
CA LEU B 259 0.57 -7.82 -2.98
C LEU B 259 1.58 -7.70 -4.10
N ILE B 260 2.58 -6.85 -3.91
CA ILE B 260 3.65 -6.74 -4.86
C ILE B 260 4.07 -8.16 -5.20
N SER B 261 4.07 -9.00 -4.18
CA SER B 261 4.49 -10.38 -4.38
C SER B 261 3.54 -11.08 -5.33
N TYR B 262 2.46 -10.41 -5.66
CA TYR B 262 1.48 -10.97 -6.57
C TYR B 262 1.51 -10.14 -7.82
N ASP B 263 2.45 -9.19 -7.85
CA ASP B 263 2.55 -8.25 -8.97
C ASP B 263 1.20 -7.62 -9.13
N MET B 264 0.78 -6.92 -8.09
CA MET B 264 -0.49 -6.25 -8.12
C MET B 264 -0.35 -4.76 -7.88
N ASP B 265 -0.88 -3.99 -8.81
CA ASP B 265 -0.80 -2.58 -8.66
C ASP B 265 -1.51 -2.29 -7.38
N VAL B 266 -1.13 -1.20 -6.73
CA VAL B 266 -1.70 -0.86 -5.46
C VAL B 266 -1.25 0.52 -5.08
N ASN B 267 -2.15 1.49 -5.04
CA ASN B 267 -1.63 2.84 -4.92
C ASN B 267 -2.23 3.63 -3.82
N SER B 268 -2.82 3.00 -2.83
CA SER B 268 -3.53 3.86 -1.91
C SER B 268 -3.65 3.45 -0.45
N ILE B 269 -3.49 4.43 0.41
CA ILE B 269 -3.58 4.12 1.80
C ILE B 269 -4.49 5.01 2.58
N ILE B 270 -5.43 4.35 3.24
CA ILE B 270 -6.40 5.01 4.06
C ILE B 270 -6.10 4.82 5.51
N VAL B 271 -5.62 5.87 6.14
CA VAL B 271 -5.44 5.84 7.56
C VAL B 271 -6.68 6.47 8.17
N ASN B 272 -7.07 5.98 9.34
CA ASN B 272 -8.44 6.03 9.85
C ASN B 272 -8.42 6.32 11.36
N GLN B 273 -9.55 6.71 11.93
CA GLN B 273 -9.59 6.90 13.35
C GLN B 273 -8.40 7.73 13.77
N LEU B 274 -8.13 8.80 13.04
CA LEU B 274 -7.10 9.70 13.47
C LEU B 274 -7.69 10.56 14.55
N LEU B 275 -6.93 11.54 15.05
CA LEU B 275 -7.38 12.35 16.19
C LEU B 275 -7.62 13.83 15.85
N PHE B 276 -6.57 14.63 15.94
CA PHE B 276 -6.62 16.07 15.65
C PHE B 276 -6.97 16.92 16.88
N ALA B 277 -6.30 16.64 18.00
CA ALA B 277 -6.57 17.34 19.26
C ALA B 277 -5.94 18.72 19.28
N GLU B 278 -6.47 19.62 18.44
CA GLU B 278 -5.97 20.98 18.36
C GLU B 278 -7.06 22.02 18.68
N CYS B 285 -9.07 16.44 25.79
CA CYS B 285 -8.70 15.79 27.04
C CYS B 285 -7.24 15.35 27.01
N LYS B 286 -6.60 15.30 28.18
CA LYS B 286 -5.16 15.09 28.26
C LYS B 286 -4.73 13.88 27.46
N ARG B 287 -5.25 12.74 27.86
CA ARG B 287 -4.90 11.49 27.24
C ARG B 287 -5.18 11.59 25.76
N CYS B 288 -6.19 12.38 25.44
CA CYS B 288 -6.47 12.68 24.04
C CYS B 288 -5.16 13.13 23.40
N GLN B 289 -4.85 14.42 23.54
CA GLN B 289 -3.63 15.01 22.99
C GLN B 289 -2.45 14.07 23.12
N ALA B 290 -2.32 13.44 24.28
CA ALA B 290 -1.31 12.43 24.47
C ALA B 290 -1.45 11.42 23.36
N ARG B 291 -2.44 10.56 23.50
CA ARG B 291 -2.82 9.61 22.46
C ARG B 291 -2.57 10.22 21.08
N TRP B 292 -3.11 11.40 20.85
CA TRP B 292 -2.88 12.10 19.61
C TRP B 292 -1.45 11.87 19.15
N LYS B 293 -0.49 12.24 19.99
CA LYS B 293 0.93 12.09 19.64
C LYS B 293 1.27 10.72 19.08
N MET B 294 0.66 9.68 19.66
CA MET B 294 0.79 8.33 19.14
C MET B 294 0.70 8.46 17.67
N GLN B 295 -0.55 8.55 17.26
CA GLN B 295 -0.90 8.71 15.87
C GLN B 295 0.13 9.56 15.17
N LYS B 296 0.41 10.74 15.69
CA LYS B 296 1.33 11.62 14.97
C LYS B 296 2.69 10.96 14.76
N LYS B 297 3.27 10.46 15.85
CA LYS B 297 4.56 9.80 15.77
C LYS B 297 4.50 8.90 14.59
N TYR B 298 3.29 8.54 14.23
CA TYR B 298 3.08 7.55 13.23
C TYR B 298 2.76 8.12 11.86
N LEU B 299 1.75 8.97 11.76
CA LEU B 299 1.37 9.53 10.48
C LEU B 299 2.60 9.78 9.65
N ASP B 300 3.47 10.59 10.20
CA ASP B 300 4.73 10.89 9.58
C ASP B 300 5.38 9.61 9.08
N GLN B 301 5.84 8.74 9.98
CA GLN B 301 6.41 7.45 9.58
C GLN B 301 5.98 7.19 8.14
N ILE B 302 4.66 7.16 7.99
CA ILE B 302 4.02 6.86 6.74
C ILE B 302 4.39 7.88 5.68
N ASP B 303 3.85 9.09 5.79
CA ASP B 303 4.16 10.15 4.83
C ASP B 303 5.57 10.00 4.25
N GLU B 304 6.58 10.04 5.12
CA GLU B 304 7.98 9.89 4.69
C GLU B 304 8.14 8.79 3.66
N LEU B 305 7.77 7.58 4.07
CA LEU B 305 7.96 6.41 3.22
C LEU B 305 6.82 6.14 2.24
N TYR B 306 6.14 7.17 1.77
CA TYR B 306 5.04 6.96 0.82
C TYR B 306 5.10 8.15 -0.10
N GLU B 307 6.29 8.70 -0.26
CA GLU B 307 6.48 9.78 -1.21
C GLU B 307 5.30 9.85 -2.28
N ASP B 308 5.45 8.82 -3.12
CA ASP B 308 4.50 8.47 -4.16
C ASP B 308 3.14 7.85 -4.06
N PHE B 309 2.61 7.88 -2.86
CA PHE B 309 1.37 7.17 -2.54
C PHE B 309 0.18 8.08 -2.27
N HIS B 310 -1.03 7.59 -2.52
CA HIS B 310 -2.23 8.22 -2.03
C HIS B 310 -2.32 7.80 -0.58
N VAL B 311 -1.60 8.48 0.29
CA VAL B 311 -1.71 8.23 1.71
C VAL B 311 -2.80 9.13 2.24
N VAL B 312 -4.01 8.63 2.35
CA VAL B 312 -5.15 9.49 2.65
C VAL B 312 -5.48 9.59 4.11
N LYS B 313 -5.08 10.63 4.78
CA LYS B 313 -5.46 10.79 6.17
C LYS B 313 -6.99 10.92 6.23
N MET B 314 -7.61 10.43 7.31
CA MET B 314 -9.05 10.55 7.54
C MET B 314 -9.39 10.68 9.04
N PRO B 315 -10.43 11.46 9.38
CA PRO B 315 -10.72 11.86 10.75
C PRO B 315 -11.68 10.87 11.40
N LEU B 316 -11.98 11.08 12.68
CA LEU B 316 -12.76 10.10 13.41
C LEU B 316 -13.98 10.67 14.15
N CYS B 317 -15.14 10.52 13.54
CA CYS B 317 -16.38 11.01 14.11
C CYS B 317 -16.86 10.08 15.21
N ALA B 318 -17.33 10.64 16.31
CA ALA B 318 -17.68 9.83 17.49
C ALA B 318 -18.73 8.75 17.25
N GLY B 319 -18.31 7.51 17.47
CA GLY B 319 -19.22 6.40 17.60
C GLY B 319 -20.02 6.06 16.39
N GLU B 320 -20.85 5.03 16.56
CA GLU B 320 -21.52 4.42 15.44
C GLU B 320 -21.81 5.41 14.33
N ILE B 321 -21.71 4.88 13.13
CA ILE B 321 -21.79 5.64 11.94
C ILE B 321 -22.20 4.61 10.90
N ARG B 322 -23.47 4.71 10.56
CA ARG B 322 -24.05 3.87 9.58
C ARG B 322 -25.23 4.63 9.05
N GLY B 323 -26.17 3.92 8.47
CA GLY B 323 -27.30 4.57 7.84
C GLY B 323 -26.76 5.29 6.64
N LEU B 324 -27.11 4.80 5.45
CA LEU B 324 -26.64 5.39 4.20
C LEU B 324 -26.53 6.91 4.33
N ASN B 325 -27.48 7.51 5.05
CA ASN B 325 -27.39 8.93 5.35
C ASN B 325 -26.00 9.19 5.90
N ASN B 326 -25.81 8.88 7.18
CA ASN B 326 -24.54 9.18 7.84
C ASN B 326 -23.34 8.89 6.94
N LEU B 327 -23.42 7.76 6.22
CA LEU B 327 -22.31 7.23 5.43
C LEU B 327 -21.90 8.15 4.30
N THR B 328 -22.81 8.32 3.34
CA THR B 328 -22.53 9.21 2.27
C THR B 328 -21.83 10.42 2.84
N LYS B 329 -22.58 11.21 3.62
CA LYS B 329 -22.09 12.46 4.20
C LYS B 329 -20.75 12.33 4.88
N PHE B 330 -20.30 11.09 4.99
CA PHE B 330 -18.97 10.79 5.51
C PHE B 330 -18.03 10.76 4.32
N SER B 331 -18.25 9.77 3.46
CA SER B 331 -17.37 9.49 2.36
C SER B 331 -16.93 10.69 1.56
N GLN B 332 -17.66 11.81 1.66
CA GLN B 332 -17.25 13.00 0.94
C GLN B 332 -15.76 13.24 1.18
N PHE B 333 -15.32 12.92 2.39
CA PHE B 333 -13.95 13.20 2.78
C PHE B 333 -12.91 12.30 2.19
N LEU B 334 -13.39 11.34 1.43
CA LEU B 334 -12.57 10.50 0.59
C LEU B 334 -12.27 11.26 -0.66
N ASN B 335 -12.83 12.45 -0.75
CA ASN B 335 -12.55 13.27 -1.88
C ASN B 335 -11.80 14.45 -1.37
N LYS B 336 -12.54 15.48 -1.02
CA LYS B 336 -11.99 16.58 -0.27
C LYS B 336 -11.51 16.00 1.04
N GLU B 337 -10.30 15.43 1.04
CA GLU B 337 -9.74 14.90 2.27
C GLU B 337 -10.05 15.90 3.37
N TYR B 338 -10.92 15.49 4.28
CA TYR B 338 -11.35 16.30 5.40
C TYR B 338 -10.26 17.16 5.97
N ASN B 339 -10.64 18.39 6.30
CA ASN B 339 -9.79 19.30 7.09
C ASN B 339 -10.42 19.77 8.39
N PRO B 340 -9.71 19.50 9.50
CA PRO B 340 -10.25 19.68 10.85
C PRO B 340 -10.82 21.07 10.99
N ILE B 341 -9.96 22.03 10.73
CA ILE B 341 -10.26 23.42 10.94
C ILE B 341 -11.49 23.85 10.14
N THR B 342 -11.52 23.50 8.87
CA THR B 342 -12.60 23.94 8.01
C THR B 342 -13.82 23.08 8.16
N ASP B 343 -13.70 21.87 7.63
CA ASP B 343 -14.80 20.93 7.55
C ASP B 343 -15.17 20.40 8.92
N GLY B 344 -14.73 21.06 9.99
CA GLY B 344 -14.90 20.53 11.35
C GLY B 344 -16.30 20.57 11.93
N LYS B 345 -17.16 21.34 11.28
CA LYS B 345 -18.54 21.45 11.69
C LYS B 345 -19.24 20.16 11.34
N VAL B 346 -19.04 19.72 10.11
CA VAL B 346 -19.70 18.54 9.53
C VAL B 346 -19.55 17.27 10.36
N ILE B 347 -18.54 17.24 11.23
CA ILE B 347 -18.18 16.05 11.97
C ILE B 347 -19.20 15.59 13.02
N TYR B 348 -19.35 16.37 14.08
CA TYR B 348 -20.25 16.04 15.17
C TYR B 348 -21.65 15.75 14.66
N GLU B 349 -21.82 15.79 13.33
CA GLU B 349 -23.12 15.60 12.70
C GLU B 349 -23.56 14.15 12.77
N LEU B 350 -22.58 13.26 12.69
CA LEU B 350 -22.84 11.84 12.76
C LEU B 350 -22.54 11.35 14.15
N GLU B 351 -22.33 12.29 15.06
CA GLU B 351 -22.04 11.97 16.45
C GLU B 351 -23.27 12.28 17.30
N ASP B 352 -24.28 11.42 17.26
CA ASP B 352 -25.50 11.65 18.04
C ASP B 352 -26.20 10.36 18.43
N THR C 4 -0.22 14.17 -31.39
CA THR C 4 0.88 13.79 -32.26
C THR C 4 1.72 15.00 -32.65
N VAL C 5 2.89 15.12 -32.07
CA VAL C 5 3.78 16.23 -32.39
C VAL C 5 4.96 15.77 -33.21
N GLU C 6 5.94 16.65 -33.34
CA GLU C 6 7.03 16.45 -34.29
C GLU C 6 8.28 15.78 -33.76
N PRO C 7 8.90 14.95 -34.59
CA PRO C 7 10.19 14.30 -34.37
C PRO C 7 11.27 15.06 -35.14
N ASN C 8 11.99 15.88 -34.41
CA ASN C 8 12.98 16.75 -34.97
C ASN C 8 13.23 17.70 -33.87
N LEU C 9 14.06 18.70 -34.14
CA LEU C 9 14.09 19.83 -33.25
C LEU C 9 14.06 21.07 -34.11
N HIS C 10 13.77 20.85 -35.39
CA HIS C 10 13.56 21.94 -36.33
C HIS C 10 12.82 23.04 -35.61
N SER C 11 11.61 22.72 -35.16
CA SER C 11 10.79 23.64 -34.42
C SER C 11 11.64 24.48 -33.47
N LEU C 12 12.67 23.88 -32.92
CA LEU C 12 13.52 24.62 -32.01
C LEU C 12 14.79 25.13 -32.68
N ILE C 13 15.26 24.42 -33.69
CA ILE C 13 16.46 24.87 -34.36
C ILE C 13 16.30 26.36 -34.66
N THR C 14 15.06 26.84 -34.63
CA THR C 14 14.76 28.21 -35.05
C THR C 14 14.08 29.08 -33.99
N SER C 15 14.05 28.65 -32.74
CA SER C 15 13.56 29.53 -31.70
C SER C 15 14.32 30.83 -31.80
N THR C 16 13.69 31.88 -31.33
CA THR C 16 14.23 33.19 -31.53
C THR C 16 14.34 33.80 -30.16
N THR C 17 13.73 33.11 -29.21
CA THR C 17 13.58 33.61 -27.87
C THR C 17 14.27 32.68 -26.88
N HIS C 18 14.99 31.69 -27.41
CA HIS C 18 15.78 30.75 -26.59
C HIS C 18 17.22 31.18 -26.45
N LYS C 19 17.55 31.77 -25.31
CA LYS C 19 18.91 32.22 -25.08
C LYS C 19 19.62 31.27 -24.15
N TRP C 20 19.05 30.08 -24.01
CA TRP C 20 19.56 29.11 -23.07
C TRP C 20 18.98 27.71 -23.32
N ILE C 21 19.81 26.79 -23.76
CA ILE C 21 19.42 25.40 -23.95
C ILE C 21 20.26 24.40 -23.13
N PHE C 22 19.63 23.52 -22.37
CA PHE C 22 20.40 22.56 -21.62
C PHE C 22 20.28 21.11 -22.12
N VAL C 23 21.44 20.52 -22.40
CA VAL C 23 21.53 19.18 -22.96
C VAL C 23 22.38 18.25 -22.06
N GLY C 24 21.91 17.01 -21.89
CA GLY C 24 22.58 16.06 -21.03
C GLY C 24 22.09 14.66 -21.39
N GLY C 25 22.37 13.72 -20.51
CA GLY C 25 21.86 12.36 -20.66
C GLY C 25 22.73 11.35 -19.96
N LYS C 26 22.49 11.17 -18.66
CA LYS C 26 23.32 10.30 -17.84
C LYS C 26 23.66 9.04 -18.63
N GLY C 27 24.86 9.01 -19.19
CA GLY C 27 25.31 7.87 -19.94
C GLY C 27 26.29 8.25 -21.02
N GLY C 28 27.09 7.26 -21.40
CA GLY C 28 27.82 7.33 -22.63
C GLY C 28 26.77 6.98 -23.64
N VAL C 29 25.73 7.78 -23.67
CA VAL C 29 24.66 7.59 -24.62
C VAL C 29 25.01 8.44 -25.78
N GLY C 30 25.89 9.38 -25.50
CA GLY C 30 26.34 10.28 -26.53
C GLY C 30 25.38 11.43 -26.66
N LYS C 31 25.77 12.55 -26.01
CA LYS C 31 24.97 13.76 -25.96
C LYS C 31 25.97 14.87 -26.24
N THR C 32 27.22 14.45 -26.27
CA THR C 32 28.33 15.35 -26.49
C THR C 32 28.15 15.89 -27.87
N THR C 33 27.87 14.96 -28.78
CA THR C 33 27.70 15.22 -30.19
C THR C 33 26.38 15.77 -30.39
N SER C 34 25.47 15.24 -29.62
CA SER C 34 24.29 15.97 -29.40
C SER C 34 24.72 17.44 -29.24
N SER C 35 25.20 17.84 -28.05
CA SER C 35 25.51 19.25 -27.74
C SER C 35 26.00 20.03 -28.92
N CYS C 36 26.58 19.31 -29.85
CA CYS C 36 27.06 19.87 -31.10
C CYS C 36 25.97 19.90 -32.14
N SER C 37 25.66 18.73 -32.68
CA SER C 37 24.74 18.68 -33.80
C SER C 37 23.58 19.59 -33.58
N ILE C 38 23.30 19.99 -32.34
CA ILE C 38 22.35 21.08 -32.11
C ILE C 38 22.96 22.47 -32.32
N ALA C 39 23.97 22.83 -31.54
CA ALA C 39 24.64 24.11 -31.77
C ALA C 39 25.13 24.28 -33.20
N ILE C 40 24.85 23.32 -34.06
CA ILE C 40 25.17 23.51 -35.46
C ILE C 40 23.91 23.98 -36.16
N GLN C 41 22.91 23.13 -36.15
CA GLN C 41 21.70 23.42 -36.85
C GLN C 41 21.21 24.81 -36.53
N MET C 42 21.65 25.40 -35.42
CA MET C 42 21.12 26.73 -35.09
C MET C 42 21.75 27.84 -35.90
N ALA C 43 23.02 28.09 -35.66
CA ALA C 43 23.73 29.09 -36.43
C ALA C 43 23.39 29.02 -37.90
N LEU C 44 23.49 27.82 -38.47
CA LEU C 44 23.19 27.64 -39.89
C LEU C 44 21.93 28.41 -40.26
N SER C 45 20.88 28.16 -39.49
CA SER C 45 19.57 28.67 -39.82
C SER C 45 19.20 29.87 -38.96
N GLN C 46 20.21 30.59 -38.49
CA GLN C 46 20.00 31.86 -37.81
C GLN C 46 21.30 32.64 -37.77
N PRO C 47 22.09 32.55 -38.84
CA PRO C 47 23.50 32.96 -38.85
C PRO C 47 23.69 34.35 -38.31
N ASN C 48 22.62 35.14 -38.27
CA ASN C 48 22.73 36.47 -37.70
C ASN C 48 22.70 36.35 -36.20
N LYS C 49 22.92 35.13 -35.76
CA LYS C 49 23.00 34.87 -34.35
C LYS C 49 24.36 34.32 -34.00
N GLN C 50 25.18 35.17 -33.38
CA GLN C 50 26.34 34.66 -32.68
C GLN C 50 25.87 33.69 -31.54
N PHE C 51 26.08 32.39 -31.78
CA PHE C 51 25.75 31.36 -30.78
C PHE C 51 27.03 30.90 -30.05
N LEU C 52 26.85 30.14 -28.97
CA LEU C 52 27.95 29.71 -28.09
C LEU C 52 27.70 28.35 -27.42
N LEU C 53 28.55 27.36 -27.68
CA LEU C 53 28.39 26.05 -27.07
C LEU C 53 29.59 25.70 -26.22
N ILE C 54 29.34 25.42 -24.95
CA ILE C 54 30.41 25.16 -23.97
C ILE C 54 30.25 23.85 -23.21
N SER C 55 31.32 23.37 -22.60
CA SER C 55 31.19 22.18 -21.76
C SER C 55 32.03 22.20 -20.49
N THR C 56 31.50 21.53 -19.48
CA THR C 56 32.14 21.45 -18.19
C THR C 56 32.85 20.13 -18.09
N ASP C 57 32.46 19.19 -18.95
CA ASP C 57 33.09 17.90 -18.94
C ASP C 57 34.56 18.14 -19.02
N PRO C 58 35.22 17.97 -17.89
CA PRO C 58 36.66 18.10 -17.83
C PRO C 58 37.31 17.49 -19.07
N ALA C 59 36.81 16.33 -19.51
CA ALA C 59 37.45 15.52 -20.56
C ALA C 59 37.88 16.28 -21.80
N HIS C 60 37.42 17.53 -21.91
CA HIS C 60 37.64 18.31 -23.12
C HIS C 60 37.15 17.50 -24.32
N ASN C 61 35.95 16.95 -24.17
CA ASN C 61 35.29 16.17 -25.20
C ASN C 61 34.93 16.96 -26.45
N LEU C 62 34.49 18.20 -26.28
CA LEU C 62 34.07 19.03 -27.40
C LEU C 62 35.09 19.02 -28.51
N SER C 63 36.11 19.84 -28.32
CA SER C 63 37.23 19.94 -29.25
C SER C 63 37.50 18.56 -29.80
N ASP C 64 37.73 17.62 -28.90
CA ASP C 64 37.97 16.24 -29.25
C ASP C 64 36.98 15.84 -30.34
N ALA C 65 35.70 15.86 -30.00
CA ALA C 65 34.64 15.50 -30.93
C ALA C 65 34.66 16.42 -32.14
N PHE C 66 35.59 17.36 -32.15
CA PHE C 66 35.68 18.37 -33.18
C PHE C 66 36.99 18.31 -33.98
N GLY C 67 37.96 17.52 -33.50
CA GLY C 67 39.27 17.46 -34.12
C GLY C 67 39.86 18.84 -34.29
N GLU C 68 39.66 19.69 -33.27
CA GLU C 68 40.08 21.07 -33.25
C GLU C 68 40.01 21.55 -31.81
N LYS C 69 41.05 22.18 -31.29
CA LYS C 69 41.14 22.44 -29.85
C LYS C 69 40.41 23.72 -29.40
N PHE C 70 39.74 23.66 -28.25
CA PHE C 70 39.13 24.84 -27.63
C PHE C 70 39.49 24.96 -26.16
N GLY C 71 39.23 26.13 -25.59
CA GLY C 71 39.69 26.39 -24.24
C GLY C 71 39.10 27.57 -23.52
N LYS C 72 39.84 28.09 -22.56
CA LYS C 72 39.32 29.02 -21.58
C LYS C 72 38.59 30.23 -22.13
N ASP C 73 38.54 30.36 -23.45
CA ASP C 73 37.89 31.53 -24.04
C ASP C 73 37.25 31.33 -25.40
N ALA C 74 36.13 32.01 -25.58
CA ALA C 74 35.29 31.84 -26.74
C ALA C 74 36.11 31.86 -28.00
N ARG C 75 35.96 30.80 -28.79
CA ARG C 75 36.60 30.77 -30.08
C ARG C 75 35.64 30.34 -31.17
N LYS C 76 35.38 31.25 -32.09
CA LYS C 76 34.56 30.99 -33.27
C LYS C 76 35.03 29.69 -33.89
N VAL C 77 34.08 28.79 -34.12
CA VAL C 77 34.40 27.57 -34.84
C VAL C 77 35.28 27.83 -36.06
N THR C 78 36.07 26.84 -36.47
CA THR C 78 36.77 27.01 -37.72
C THR C 78 35.94 26.45 -38.86
N GLY C 79 35.23 27.35 -39.53
CA GLY C 79 34.37 26.98 -40.63
C GLY C 79 33.10 27.80 -40.62
N MET C 80 32.84 28.46 -39.51
CA MET C 80 31.65 29.30 -39.39
C MET C 80 31.99 30.67 -38.82
N ASN C 81 31.00 31.54 -38.72
CA ASN C 81 31.25 32.90 -38.30
C ASN C 81 30.19 33.34 -37.31
N ASN C 82 29.68 32.40 -36.53
CA ASN C 82 28.49 32.63 -35.73
C ASN C 82 28.27 31.54 -34.70
N LEU C 83 29.07 30.47 -34.81
CA LEU C 83 29.03 29.38 -33.85
C LEU C 83 30.35 29.22 -33.11
N SER C 84 30.43 29.79 -31.91
CA SER C 84 31.66 29.71 -31.12
C SER C 84 31.61 28.51 -30.17
N CYS C 85 32.74 28.20 -29.53
CA CYS C 85 32.81 27.09 -28.59
C CYS C 85 33.85 27.39 -27.51
N MET C 86 33.59 26.94 -26.29
CA MET C 86 34.42 27.29 -25.16
C MET C 86 34.49 26.24 -24.07
N GLU C 87 35.63 25.58 -23.94
CA GLU C 87 35.78 24.57 -22.92
C GLU C 87 36.38 25.17 -21.67
N ILE C 88 35.87 24.75 -20.52
CA ILE C 88 36.30 25.34 -19.29
C ILE C 88 36.06 24.37 -18.16
N ASP C 89 37.11 23.98 -17.45
CA ASP C 89 36.92 23.16 -16.28
C ASP C 89 36.57 24.10 -15.16
N PRO C 90 35.27 24.39 -15.01
CA PRO C 90 34.72 25.50 -14.22
C PRO C 90 35.39 25.54 -12.87
N SER C 91 35.46 24.38 -12.25
CA SER C 91 36.38 24.14 -11.16
C SER C 91 37.49 25.18 -11.19
N ALA C 92 38.50 24.89 -11.99
CA ALA C 92 39.62 25.79 -12.22
C ALA C 92 39.53 27.16 -11.56
N ALA C 93 39.00 28.13 -12.31
CA ALA C 93 39.18 29.55 -12.00
C ALA C 93 38.60 30.15 -10.72
N LEU C 94 37.78 29.41 -9.98
CA LEU C 94 37.08 30.00 -8.83
C LEU C 94 38.05 30.69 -7.86
N GLY C 131 30.72 26.58 3.58
CA GLY C 131 29.32 26.28 3.33
C GLY C 131 29.08 24.87 2.82
N SER C 132 28.39 24.05 3.61
CA SER C 132 28.21 22.65 3.30
C SER C 132 26.85 22.36 2.71
N ILE C 133 26.01 23.38 2.62
CA ILE C 133 24.64 23.20 2.19
C ILE C 133 24.51 22.80 0.74
N PRO C 134 23.35 22.22 0.37
CA PRO C 134 22.97 21.79 -0.99
C PRO C 134 22.79 22.95 -1.95
N GLY C 135 22.71 22.64 -3.23
CA GLY C 135 22.53 23.64 -4.28
C GLY C 135 23.73 24.56 -4.38
N ILE C 136 24.13 25.07 -3.23
CA ILE C 136 25.29 25.90 -3.07
C ILE C 136 26.22 25.74 -4.23
N ASP C 137 27.34 25.09 -3.98
CA ASP C 137 28.37 24.91 -5.00
C ASP C 137 27.77 25.02 -6.40
N GLU C 138 26.81 24.15 -6.69
CA GLU C 138 26.19 24.06 -8.00
C GLU C 138 25.97 25.44 -8.59
N ALA C 139 25.22 26.28 -7.89
CA ALA C 139 24.94 27.61 -8.38
C ALA C 139 26.22 28.34 -8.70
N LEU C 140 26.85 28.86 -7.67
CA LEU C 140 28.11 29.55 -7.85
C LEU C 140 28.82 29.00 -9.05
N SER C 141 29.13 27.71 -9.01
CA SER C 141 29.73 27.03 -10.13
C SER C 141 29.27 27.74 -11.38
N PHE C 142 28.00 27.54 -11.70
CA PHE C 142 27.29 28.36 -12.66
C PHE C 142 27.69 29.81 -12.45
N MET C 143 26.99 30.50 -11.53
CA MET C 143 27.23 31.91 -11.29
C MET C 143 28.52 32.46 -11.93
N GLU C 144 29.67 32.11 -11.37
CA GLU C 144 30.94 32.56 -11.90
C GLU C 144 30.93 32.47 -13.40
N VAL C 145 30.38 31.36 -13.89
CA VAL C 145 30.27 31.17 -15.32
C VAL C 145 29.69 32.45 -15.93
N MET C 146 28.47 32.78 -15.51
CA MET C 146 27.79 33.99 -15.97
C MET C 146 28.84 35.01 -16.30
N LYS C 147 29.34 35.63 -15.24
CA LYS C 147 30.38 36.61 -15.34
C LYS C 147 31.47 36.18 -16.31
N HIS C 148 32.07 35.02 -16.08
CA HIS C 148 33.18 34.60 -16.94
C HIS C 148 32.78 34.60 -18.40
N ILE C 149 31.50 34.42 -18.63
CA ILE C 149 30.99 34.46 -20.00
C ILE C 149 30.84 35.89 -20.48
N LYS C 150 30.25 36.75 -19.66
CA LYS C 150 29.97 38.12 -20.08
C LYS C 150 31.26 38.88 -20.32
N ARG C 151 32.27 38.58 -19.52
CA ARG C 151 33.59 39.06 -19.83
C ARG C 151 33.75 38.80 -21.30
N GLN C 152 33.58 37.54 -21.66
CA GLN C 152 33.96 37.05 -22.99
C GLN C 152 33.17 37.64 -24.17
N GLU C 153 32.05 38.27 -23.88
CA GLU C 153 31.26 38.93 -24.93
C GLU C 153 31.63 40.40 -24.99
N GLN C 154 31.74 41.00 -23.81
CA GLN C 154 32.09 42.39 -23.68
C GLN C 154 33.52 42.61 -24.12
N GLY C 155 34.46 41.98 -23.40
CA GLY C 155 35.87 42.09 -23.71
C GLY C 155 36.10 41.58 -25.12
N GLU C 156 35.18 40.78 -25.60
CA GLU C 156 35.17 40.36 -26.98
C GLU C 156 34.77 41.55 -27.83
N GLY C 157 33.63 42.12 -27.48
CA GLY C 157 32.97 43.09 -28.33
C GLY C 157 31.73 42.44 -28.90
N GLU C 158 31.92 41.56 -29.87
CA GLU C 158 30.81 40.83 -30.45
C GLU C 158 30.08 40.05 -29.37
N THR C 159 28.76 40.03 -29.46
CA THR C 159 27.96 39.41 -28.42
C THR C 159 27.26 38.13 -28.93
N PHE C 160 26.89 37.25 -27.98
CA PHE C 160 26.24 35.96 -28.26
C PHE C 160 24.74 36.05 -28.12
N ASP C 161 24.03 35.25 -28.90
CA ASP C 161 22.58 35.32 -28.98
C ASP C 161 21.93 34.13 -28.26
N THR C 162 22.20 32.93 -28.72
CA THR C 162 21.69 31.74 -28.06
C THR C 162 22.85 30.88 -27.54
N VAL C 163 22.75 30.41 -26.28
CA VAL C 163 23.80 29.62 -25.61
C VAL C 163 23.45 28.15 -25.36
N ILE C 164 24.34 27.21 -25.71
CA ILE C 164 24.05 25.77 -25.68
C ILE C 164 24.92 24.96 -24.75
N PHE C 165 24.31 24.28 -23.78
CA PHE C 165 25.02 23.53 -22.71
C PHE C 165 25.17 22.01 -22.89
N ASP C 166 26.12 21.44 -22.15
CA ASP C 166 26.58 20.10 -22.36
C ASP C 166 26.74 19.66 -20.91
N THR C 167 25.63 19.42 -20.21
CA THR C 167 25.65 19.10 -18.77
C THR C 167 26.68 18.05 -18.48
N ALA C 168 27.55 18.32 -17.51
CA ALA C 168 28.61 17.37 -17.21
C ALA C 168 28.14 15.92 -17.34
N PRO C 169 29.04 15.02 -17.76
CA PRO C 169 28.64 13.62 -17.80
C PRO C 169 28.12 13.25 -16.42
N THR C 170 28.56 14.02 -15.42
CA THR C 170 28.12 13.85 -14.04
C THR C 170 26.72 14.41 -13.84
N GLY C 171 26.02 14.59 -14.96
CA GLY C 171 24.70 15.19 -14.97
C GLY C 171 24.75 16.70 -14.95
N HIS C 172 24.03 17.28 -13.98
CA HIS C 172 23.73 18.70 -13.92
C HIS C 172 23.98 19.18 -12.51
N THR C 173 24.53 20.37 -12.36
CA THR C 173 24.59 20.97 -11.03
C THR C 173 23.18 21.46 -10.72
N LEU C 174 22.26 21.20 -11.65
CA LEU C 174 20.91 21.74 -11.58
C LEU C 174 20.38 21.98 -10.18
N ARG C 175 20.39 20.95 -9.34
CA ARG C 175 20.01 21.07 -7.94
C ARG C 175 19.37 22.37 -7.53
N PHE C 176 20.13 23.45 -7.67
CA PHE C 176 19.98 24.72 -6.95
C PHE C 176 18.68 25.55 -7.04
N LEU C 177 18.06 25.66 -8.20
CA LEU C 177 16.86 26.47 -8.32
C LEU C 177 15.76 25.91 -7.40
N GLN C 178 15.71 24.59 -7.36
CA GLN C 178 14.75 23.82 -6.60
C GLN C 178 15.07 24.19 -5.17
N LEU C 179 16.36 24.34 -4.95
CA LEU C 179 16.92 24.71 -3.66
C LEU C 179 16.56 26.07 -3.03
N PRO C 180 16.42 27.17 -3.80
CA PRO C 180 16.07 28.42 -3.09
C PRO C 180 14.75 28.50 -2.30
N ASN C 181 13.65 28.01 -2.86
CA ASN C 181 12.36 28.03 -2.20
C ASN C 181 12.45 27.44 -0.78
N THR C 182 13.19 26.35 -0.63
CA THR C 182 13.39 25.76 0.69
C THR C 182 14.04 26.77 1.63
N LEU C 183 15.16 27.34 1.20
CA LEU C 183 15.87 28.34 2.00
C LEU C 183 14.97 29.47 2.40
N SER C 184 13.91 29.67 1.64
CA SER C 184 13.00 30.75 1.95
C SER C 184 12.12 30.41 3.14
N LYS C 185 11.55 29.21 3.14
CA LYS C 185 10.63 28.79 4.19
C LYS C 185 11.32 28.86 5.53
N LEU C 186 12.62 28.55 5.52
CA LEU C 186 13.33 28.38 6.77
C LEU C 186 14.01 29.67 7.23
N LEU C 187 14.15 30.60 6.30
CA LEU C 187 14.54 31.95 6.67
C LEU C 187 13.46 32.51 7.57
N GLU C 188 12.21 32.16 7.26
CA GLU C 188 11.08 32.60 8.05
C GLU C 188 10.99 31.80 9.34
N LYS C 189 11.08 30.48 9.23
CA LYS C 189 11.14 29.61 10.41
C LYS C 189 12.09 30.23 11.43
N ASP C 211 23.94 41.02 7.03
CA ASP C 211 24.61 40.14 6.08
C ASP C 211 23.75 38.90 5.72
N ILE C 212 23.13 38.29 6.72
CA ILE C 212 22.30 37.13 6.43
C ILE C 212 21.19 37.50 5.44
N SER C 213 20.52 38.61 5.68
CA SER C 213 19.51 39.14 4.76
C SER C 213 20.10 39.42 3.39
N GLY C 214 21.29 40.01 3.38
CA GLY C 214 21.96 40.32 2.13
C GLY C 214 22.07 39.11 1.22
N LYS C 215 22.82 38.11 1.68
CA LYS C 215 23.05 36.90 0.91
C LYS C 215 21.75 36.30 0.39
N LEU C 216 20.75 36.21 1.26
CA LEU C 216 19.48 35.59 0.90
C LEU C 216 18.80 36.32 -0.25
N ASN C 217 18.71 37.64 -0.14
CA ASN C 217 18.14 38.44 -1.23
C ASN C 217 18.91 38.32 -2.54
N GLU C 218 20.23 38.21 -2.44
CA GLU C 218 21.10 38.08 -3.61
C GLU C 218 20.77 36.77 -4.33
N LEU C 219 20.77 35.68 -3.57
CA LEU C 219 20.42 34.37 -4.11
C LEU C 219 19.08 34.41 -4.85
N LYS C 220 18.07 35.02 -4.23
CA LYS C 220 16.72 35.09 -4.78
C LYS C 220 16.78 35.81 -6.10
N ALA C 221 17.39 36.98 -6.04
CA ALA C 221 17.66 37.82 -7.20
C ALA C 221 18.24 36.99 -8.34
N ASN C 222 19.47 36.52 -8.11
CA ASN C 222 20.15 35.69 -9.10
C ASN C 222 19.22 34.64 -9.69
N VAL C 223 18.56 33.87 -8.82
CA VAL C 223 17.73 32.75 -9.25
C VAL C 223 16.56 33.23 -10.08
N GLU C 224 15.94 34.31 -9.64
CA GLU C 224 14.86 34.94 -10.40
C GLU C 224 15.33 35.37 -11.78
N THR C 225 16.53 35.93 -11.85
CA THR C 225 17.05 36.35 -13.13
C THR C 225 17.20 35.00 -13.78
N ILE C 226 17.77 34.09 -13.01
CA ILE C 226 18.01 32.71 -13.43
C ILE C 226 16.72 31.90 -13.52
N ARG C 227 15.86 32.04 -12.50
CA ARG C 227 14.60 31.33 -12.46
C ARG C 227 13.65 31.73 -13.57
N GLN C 228 13.51 33.05 -13.77
CA GLN C 228 12.64 33.55 -14.81
C GLN C 228 13.34 33.08 -16.06
N GLN C 229 14.65 33.31 -16.10
CA GLN C 229 15.43 33.05 -17.30
C GLN C 229 15.37 31.57 -17.62
N PHE C 230 15.46 30.76 -16.57
CA PHE C 230 15.39 29.33 -16.71
C PHE C 230 13.97 28.81 -16.48
N THR C 231 13.00 29.68 -16.23
CA THR C 231 11.69 29.14 -15.92
C THR C 231 10.57 29.40 -17.01
N ASP C 232 10.80 30.44 -17.79
CA ASP C 232 9.97 30.72 -18.92
C ASP C 232 10.46 29.75 -19.95
N PRO C 233 9.57 28.91 -20.40
CA PRO C 233 9.78 27.94 -21.46
C PRO C 233 10.20 28.52 -22.78
N ASP C 234 10.46 29.83 -22.87
CA ASP C 234 10.76 30.41 -24.18
C ASP C 234 12.21 30.85 -24.43
N LEU C 235 13.00 31.05 -23.39
CA LEU C 235 14.39 31.44 -23.57
C LEU C 235 15.26 30.24 -23.32
N THR C 236 14.63 29.23 -22.70
CA THR C 236 15.35 28.13 -22.07
C THR C 236 14.49 26.90 -22.07
N THR C 237 15.10 25.78 -22.40
CA THR C 237 14.43 24.52 -22.27
C THR C 237 15.51 23.46 -22.40
N PHE C 238 15.14 22.19 -22.40
CA PHE C 238 16.08 21.15 -22.01
C PHE C 238 15.92 19.87 -22.78
N VAL C 239 16.77 19.69 -23.81
CA VAL C 239 16.74 18.47 -24.60
C VAL C 239 17.59 17.49 -23.82
N CYS C 240 17.29 16.19 -23.94
CA CYS C 240 18.12 15.18 -23.33
C CYS C 240 18.34 14.01 -24.27
N VAL C 241 19.54 13.46 -24.23
CA VAL C 241 19.86 12.38 -25.11
C VAL C 241 19.87 11.10 -24.34
N CYS C 242 19.51 10.01 -25.00
CA CYS C 242 19.42 8.75 -24.28
C CYS C 242 18.97 7.64 -25.18
N ILE C 243 19.48 6.44 -25.01
CA ILE C 243 19.30 5.44 -26.04
C ILE C 243 18.40 4.34 -25.62
N SER C 244 18.33 3.29 -26.44
CA SER C 244 17.27 2.33 -26.31
C SER C 244 17.73 1.21 -25.44
N GLU C 245 17.87 1.46 -24.14
CA GLU C 245 18.20 0.36 -23.26
C GLU C 245 17.78 0.63 -21.83
N PHE C 246 17.40 -0.44 -21.13
CA PHE C 246 16.89 -0.33 -19.79
C PHE C 246 17.53 0.77 -18.99
N LEU C 247 18.85 0.66 -18.74
CA LEU C 247 19.57 1.64 -17.91
C LEU C 247 19.52 3.08 -18.46
N SER C 248 19.54 3.26 -19.77
CA SER C 248 19.24 4.57 -20.35
C SER C 248 17.85 4.99 -19.88
N LEU C 249 16.83 4.46 -20.55
CA LEU C 249 15.44 4.75 -20.27
C LEU C 249 15.22 5.20 -18.83
N TYR C 250 14.97 4.24 -17.94
CA TYR C 250 14.85 4.50 -16.50
C TYR C 250 15.66 5.72 -16.09
N GLU C 251 16.98 5.57 -16.10
CA GLU C 251 17.85 6.66 -15.67
C GLU C 251 17.46 7.95 -16.37
N THR C 252 17.29 7.89 -17.70
CA THR C 252 16.95 9.09 -18.45
C THR C 252 15.65 9.59 -17.94
N GLU C 253 14.64 8.73 -17.99
CA GLU C 253 13.34 9.08 -17.41
C GLU C 253 13.58 9.85 -16.11
N ARG C 254 14.35 9.27 -15.20
CA ARG C 254 14.66 9.93 -13.94
C ARG C 254 14.99 11.40 -14.18
N LEU C 255 16.05 11.63 -14.93
CA LEU C 255 16.41 12.98 -15.32
C LEU C 255 15.16 13.83 -15.30
N ILE C 256 14.28 13.52 -16.23
CA ILE C 256 13.12 14.34 -16.41
C ILE C 256 12.53 14.70 -15.08
N GLN C 257 12.33 13.73 -14.20
CA GLN C 257 11.63 14.04 -12.95
C GLN C 257 12.32 15.21 -12.23
N GLU C 258 13.60 15.06 -11.91
CA GLU C 258 14.32 16.12 -11.22
C GLU C 258 14.11 17.47 -11.92
N LEU C 259 14.08 17.44 -13.24
CA LEU C 259 13.87 18.67 -13.98
C LEU C 259 12.51 19.25 -13.62
N ILE C 260 11.43 18.54 -13.93
CA ILE C 260 10.11 18.98 -13.50
C ILE C 260 10.26 19.41 -12.03
N SER C 261 11.06 18.67 -11.28
CA SER C 261 11.22 18.96 -9.88
C SER C 261 11.86 20.28 -9.70
N TYR C 262 12.32 20.87 -10.81
CA TYR C 262 12.94 22.17 -10.74
C TYR C 262 12.01 23.15 -11.46
N ASP C 263 10.84 22.64 -11.86
CA ASP C 263 9.90 23.41 -12.65
C ASP C 263 10.60 23.94 -13.87
N MET C 264 11.08 23.02 -14.69
CA MET C 264 11.79 23.40 -15.88
C MET C 264 11.16 22.85 -17.14
N ASP C 265 10.86 23.74 -18.05
CA ASP C 265 10.25 23.30 -19.26
C ASP C 265 11.19 22.33 -19.86
N VAL C 266 10.66 21.35 -20.57
CA VAL C 266 11.51 20.37 -21.19
C VAL C 266 10.72 19.62 -22.19
N ASN C 267 11.07 19.71 -23.46
CA ASN C 267 10.18 19.13 -24.44
C ASN C 267 10.81 18.23 -25.48
N SER C 268 12.01 17.72 -25.25
CA SER C 268 12.57 16.93 -26.30
C SER C 268 13.38 15.68 -26.01
N ILE C 269 13.20 14.64 -26.80
CA ILE C 269 14.01 13.51 -26.49
C ILE C 269 14.71 12.94 -27.67
N ILE C 270 16.03 12.85 -27.53
CA ILE C 270 16.91 12.39 -28.58
C ILE C 270 17.36 10.97 -28.26
N VAL C 271 16.78 10.03 -28.99
CA VAL C 271 17.21 8.65 -28.92
C VAL C 271 18.17 8.43 -30.07
N ASN C 272 19.22 7.64 -29.83
CA ASN C 272 20.52 7.68 -30.50
C ASN C 272 21.05 6.25 -30.75
N GLN C 273 22.02 6.09 -31.63
CA GLN C 273 22.58 4.77 -31.81
C GLN C 273 21.45 3.76 -31.96
N LEU C 274 20.46 4.07 -32.78
CA LEU C 274 19.41 3.12 -33.08
C LEU C 274 19.99 2.21 -34.13
N LEU C 275 19.18 1.28 -34.65
CA LEU C 275 19.66 0.26 -35.59
C LEU C 275 19.08 0.35 -36.99
N PHE C 276 17.92 -0.29 -37.19
CA PHE C 276 17.22 -0.26 -38.48
C PHE C 276 17.61 -1.41 -39.40
N ALA C 277 17.69 -2.61 -38.84
CA ALA C 277 18.14 -3.78 -39.58
C ALA C 277 17.07 -4.31 -40.52
N GLU C 278 16.76 -3.54 -41.55
CA GLU C 278 15.75 -3.93 -42.52
C GLU C 278 16.27 -3.97 -43.95
N ASN C 279 17.04 -2.95 -44.28
CA ASN C 279 17.23 -2.53 -45.67
C ASN C 279 17.80 -3.57 -46.64
N ASP C 280 18.36 -4.67 -46.14
CA ASP C 280 18.67 -5.78 -47.03
C ASP C 280 19.22 -7.04 -46.37
N GLN C 281 18.82 -8.17 -46.95
CA GLN C 281 19.27 -9.50 -46.57
C GLN C 281 20.79 -9.56 -46.49
N GLU C 282 21.42 -9.59 -47.66
CA GLU C 282 22.87 -9.68 -47.80
C GLU C 282 23.61 -8.86 -46.77
N HIS C 283 22.92 -7.84 -46.25
CA HIS C 283 23.54 -6.89 -45.34
C HIS C 283 23.50 -7.39 -43.91
N ASN C 284 22.32 -7.38 -43.31
CA ASN C 284 22.25 -7.36 -41.85
C ASN C 284 22.46 -8.67 -41.05
N CYS C 285 23.37 -8.61 -40.07
CA CYS C 285 23.80 -9.79 -39.29
C CYS C 285 22.83 -10.18 -38.19
N LYS C 286 22.88 -11.46 -37.82
CA LYS C 286 21.85 -12.04 -36.97
C LYS C 286 21.68 -11.24 -35.71
N ARG C 287 22.78 -11.18 -34.96
CA ARG C 287 22.78 -10.50 -33.69
C ARG C 287 22.31 -9.09 -33.88
N CYS C 288 22.63 -8.52 -35.04
CA CYS C 288 22.10 -7.24 -35.39
C CYS C 288 20.61 -7.29 -35.19
N GLN C 289 19.90 -7.72 -36.22
CA GLN C 289 18.45 -7.79 -36.16
C GLN C 289 17.98 -8.16 -34.76
N ALA C 290 18.67 -9.12 -34.17
CA ALA C 290 18.36 -9.49 -32.79
C ALA C 290 18.43 -8.23 -31.98
N ARG C 291 19.64 -7.83 -31.68
CA ARG C 291 19.89 -6.56 -31.04
C ARG C 291 18.83 -5.54 -31.44
N TRP C 292 18.64 -5.37 -32.73
CA TRP C 292 17.64 -4.45 -33.24
C TRP C 292 16.41 -4.52 -32.36
N LYS C 293 15.86 -5.70 -32.23
CA LYS C 293 14.65 -5.90 -31.44
C LYS C 293 14.75 -5.23 -30.09
N MET C 294 15.92 -5.31 -29.49
CA MET C 294 16.16 -4.65 -28.22
C MET C 294 15.54 -3.31 -28.38
N GLN C 295 16.31 -2.49 -29.06
CA GLN C 295 15.94 -1.13 -29.32
C GLN C 295 14.45 -1.06 -29.57
N LYS C 296 13.94 -1.88 -30.47
CA LYS C 296 12.54 -1.74 -30.82
C LYS C 296 11.66 -1.94 -29.60
N LYS C 297 11.87 -3.05 -28.89
CA LYS C 297 11.09 -3.33 -27.71
C LYS C 297 11.05 -2.05 -26.93
N TYR C 298 12.04 -1.21 -27.17
CA TYR C 298 12.18 -0.01 -26.40
C TYR C 298 11.58 1.25 -27.02
N LEU C 299 11.97 1.53 -28.25
CA LEU C 299 11.47 2.73 -28.93
C LEU C 299 10.03 2.96 -28.55
N ASP C 300 9.22 1.98 -28.87
CA ASP C 300 7.82 2.02 -28.55
C ASP C 300 7.67 2.49 -27.12
N GLN C 301 8.09 1.69 -26.13
CA GLN C 301 8.01 2.10 -24.73
C GLN C 301 7.88 3.58 -24.70
N ILE C 302 8.88 4.20 -25.30
CA ILE C 302 8.93 5.63 -25.34
C ILE C 302 7.71 6.23 -26.02
N ASP C 303 7.67 6.09 -27.35
CA ASP C 303 6.58 6.64 -28.14
C ASP C 303 5.28 6.67 -27.34
N GLU C 304 4.85 5.50 -26.89
CA GLU C 304 3.62 5.40 -26.11
C GLU C 304 3.55 6.47 -25.06
N LEU C 305 4.56 6.48 -24.20
CA LEU C 305 4.57 7.39 -23.05
C LEU C 305 5.21 8.74 -23.34
N TYR C 306 5.11 9.22 -24.57
CA TYR C 306 5.63 10.54 -24.92
C TYR C 306 4.91 11.24 -26.07
N GLU C 307 3.70 10.75 -26.39
CA GLU C 307 2.89 11.33 -27.46
C GLU C 307 3.22 12.81 -27.60
N ASP C 308 3.12 13.51 -26.48
CA ASP C 308 3.21 14.95 -26.45
C ASP C 308 4.62 15.47 -26.58
N PHE C 309 5.53 14.57 -26.85
CA PHE C 309 6.93 14.92 -26.84
C PHE C 309 7.59 14.95 -28.19
N HIS C 310 8.66 15.73 -28.28
CA HIS C 310 9.57 15.67 -29.41
C HIS C 310 10.45 14.45 -29.15
N VAL C 311 9.93 13.27 -29.45
CA VAL C 311 10.70 12.07 -29.30
C VAL C 311 11.37 11.89 -30.63
N VAL C 312 12.61 12.34 -30.76
CA VAL C 312 13.35 12.30 -32.03
C VAL C 312 14.25 11.10 -32.28
N LYS C 313 13.74 10.12 -33.01
CA LYS C 313 14.55 8.96 -33.34
C LYS C 313 15.73 9.44 -34.19
N MET C 314 16.89 8.82 -34.00
CA MET C 314 18.09 9.13 -34.79
C MET C 314 18.94 7.88 -35.07
N PRO C 315 19.55 7.82 -36.25
CA PRO C 315 20.21 6.60 -36.73
C PRO C 315 21.67 6.55 -36.29
N LEU C 316 22.37 5.48 -36.62
CA LEU C 316 23.73 5.29 -36.13
C LEU C 316 24.77 4.98 -37.22
N CYS C 317 25.51 6.01 -37.61
CA CYS C 317 26.52 5.87 -38.65
C CYS C 317 27.76 5.23 -38.06
N ALA C 318 28.39 4.32 -38.79
CA ALA C 318 29.53 3.54 -38.26
C ALA C 318 30.72 4.35 -37.79
N GLY C 319 31.02 4.20 -36.50
CA GLY C 319 32.26 4.63 -35.92
C GLY C 319 32.52 6.10 -36.03
N GLU C 320 33.69 6.49 -35.50
CA GLU C 320 34.00 7.88 -35.29
C GLU C 320 33.35 8.81 -36.28
N ILE C 321 32.99 9.96 -35.75
CA ILE C 321 32.21 10.94 -36.46
C ILE C 321 32.52 12.23 -35.78
N ARG C 322 33.35 12.98 -36.46
CA ARG C 322 33.76 14.27 -35.98
C ARG C 322 34.13 15.02 -37.23
N GLY C 323 34.95 16.04 -37.06
CA GLY C 323 35.29 16.90 -38.16
C GLY C 323 34.04 17.63 -38.57
N LEU C 324 34.05 18.93 -38.31
CA LEU C 324 32.91 19.77 -38.60
C LEU C 324 32.22 19.29 -39.86
N ASN C 325 33.02 18.90 -40.84
CA ASN C 325 32.46 18.31 -42.03
C ASN C 325 31.46 17.24 -41.62
N ASN C 326 31.98 16.07 -41.27
CA ASN C 326 31.14 14.93 -40.92
C ASN C 326 29.94 15.36 -40.06
N LEU C 327 30.20 16.25 -39.11
CA LEU C 327 29.19 16.66 -38.13
C LEU C 327 27.98 17.36 -38.73
N THR C 328 28.21 18.52 -39.32
CA THR C 328 27.13 19.22 -39.99
C THR C 328 26.30 18.18 -40.71
N LYS C 329 26.86 17.63 -41.79
CA LYS C 329 26.19 16.66 -42.66
C LYS C 329 25.47 15.56 -41.89
N PHE C 330 25.68 15.53 -40.59
CA PHE C 330 24.99 14.63 -39.69
C PHE C 330 23.75 15.36 -39.25
N SER C 331 23.99 16.42 -38.50
CA SER C 331 22.94 17.14 -37.80
C SER C 331 21.74 17.46 -38.64
N GLN C 332 21.88 17.45 -39.95
CA GLN C 332 20.74 17.70 -40.81
C GLN C 332 19.58 16.87 -40.29
N PHE C 333 19.89 15.70 -39.77
CA PHE C 333 18.89 14.73 -39.38
C PHE C 333 18.24 15.04 -38.06
N LEU C 334 18.73 16.09 -37.44
CA LEU C 334 18.04 16.72 -36.35
C LEU C 334 16.90 17.60 -36.86
N ASN C 335 16.77 17.68 -38.19
CA ASN C 335 15.69 18.41 -38.82
C ASN C 335 14.81 17.40 -39.49
N LYS C 336 15.12 17.14 -40.74
CA LYS C 336 14.48 16.06 -41.44
C LYS C 336 14.89 14.80 -40.72
N GLU C 337 14.17 14.47 -39.65
CA GLU C 337 14.49 13.26 -38.92
C GLU C 337 14.76 12.19 -39.94
N TYR C 338 16.02 11.78 -39.98
CA TYR C 338 16.50 10.76 -40.90
C TYR C 338 15.48 9.66 -41.16
N ASN C 339 15.39 9.25 -42.42
CA ASN C 339 14.66 8.03 -42.81
C ASN C 339 15.53 7.00 -43.53
N PRO C 340 15.60 5.78 -42.95
CA PRO C 340 16.51 4.71 -43.38
C PRO C 340 16.44 4.53 -44.86
N ILE C 341 15.24 4.22 -45.32
CA ILE C 341 14.97 3.87 -46.69
C ILE C 341 15.43 4.98 -47.65
N THR C 342 15.06 6.23 -47.33
CA THR C 342 15.35 7.36 -48.23
C THR C 342 16.76 7.87 -48.06
N ASP C 343 16.95 8.54 -46.93
CA ASP C 343 18.23 9.16 -46.57
C ASP C 343 19.32 8.14 -46.24
N GLY C 344 19.14 6.89 -46.67
CA GLY C 344 20.06 5.83 -46.31
C GLY C 344 21.40 5.87 -47.01
N LYS C 345 21.46 6.61 -48.10
CA LYS C 345 22.70 6.74 -48.86
C LYS C 345 23.67 7.58 -48.05
N VAL C 346 23.18 8.71 -47.57
CA VAL C 346 23.98 9.71 -46.86
C VAL C 346 24.75 9.16 -45.66
N ILE C 347 24.36 7.98 -45.21
CA ILE C 347 24.89 7.42 -43.97
C ILE C 347 26.33 6.96 -44.04
N TYR C 348 26.56 5.90 -44.80
CA TYR C 348 27.90 5.33 -44.93
C TYR C 348 28.92 6.38 -45.33
N GLU C 349 28.49 7.64 -45.40
CA GLU C 349 29.31 8.73 -45.89
C GLU C 349 30.29 9.13 -44.82
N LEU C 350 29.86 9.01 -43.58
CA LEU C 350 30.71 9.34 -42.47
C LEU C 350 31.28 8.06 -41.89
N GLU C 351 31.10 6.96 -42.62
CA GLU C 351 31.62 5.65 -42.22
C GLU C 351 32.81 5.26 -43.08
N ASP C 352 33.98 5.84 -42.80
CA ASP C 352 35.18 5.55 -43.58
C ASP C 352 36.46 5.74 -42.77
N THR D 15 -2.50 30.51 -33.19
CA THR D 15 -1.68 30.32 -32.00
C THR D 15 -1.16 28.89 -31.91
N GLU D 16 -0.36 28.49 -32.91
CA GLU D 16 0.19 27.14 -32.93
C GLU D 16 1.10 26.90 -31.75
N ALA D 17 1.90 27.90 -31.40
CA ALA D 17 2.81 27.80 -30.27
C ALA D 17 2.06 27.40 -29.00
N GLU D 18 1.19 28.28 -28.54
CA GLU D 18 0.40 28.02 -27.34
C GLU D 18 0.03 26.55 -27.25
N LYS D 19 -0.59 26.04 -28.32
CA LYS D 19 -0.99 24.64 -28.37
C LYS D 19 0.10 23.76 -27.78
N ARG D 20 1.35 24.09 -28.11
CA ARG D 20 2.49 23.34 -27.61
C ARG D 20 2.56 23.46 -26.10
N ARG D 21 2.31 24.67 -25.60
CA ARG D 21 2.33 24.91 -24.16
C ARG D 21 1.24 24.09 -23.48
N LEU D 22 0.08 24.03 -24.11
CA LEU D 22 -1.03 23.25 -23.57
C LEU D 22 -0.67 21.78 -23.51
N LEU D 23 0.00 21.30 -24.56
CA LEU D 23 0.41 19.91 -24.62
C LEU D 23 1.40 19.61 -23.50
N ARG D 24 2.32 20.56 -23.27
CA ARG D 24 3.31 20.41 -22.21
C ARG D 24 2.62 20.33 -20.86
N GLU D 25 1.67 21.25 -20.68
CA GLU D 25 0.87 21.37 -19.47
C GLU D 25 0.02 20.12 -19.27
N ARG D 26 -0.51 19.60 -20.37
CA ARG D 26 -1.31 18.39 -20.31
C ARG D 26 -0.42 17.28 -19.79
N ARG D 27 0.82 17.26 -20.26
CA ARG D 27 1.79 16.27 -19.81
C ARG D 27 2.05 16.42 -18.31
N GLN D 28 2.11 17.67 -17.86
CA GLN D 28 2.33 17.95 -16.44
C GLN D 28 1.15 17.43 -15.60
N LYS D 29 -0.06 17.62 -16.10
CA LYS D 29 -1.25 17.16 -15.41
C LYS D 29 -1.19 15.65 -15.35
N LYS D 30 -0.74 15.06 -16.45
CA LYS D 30 -0.53 13.62 -16.54
C LYS D 30 0.53 13.24 -15.53
N PHE D 31 1.57 14.06 -15.41
CA PHE D 31 2.62 13.77 -14.45
C PHE D 31 2.11 14.00 -13.03
N SER D 32 1.47 15.14 -12.80
CA SER D 32 0.92 15.37 -11.47
C SER D 32 -0.20 14.38 -11.26
N ASN D 33 -1.07 14.28 -12.27
CA ASN D 33 -2.18 13.34 -12.29
C ASN D 33 -1.78 11.89 -12.42
N GLY D 34 -0.80 11.64 -13.28
CA GLY D 34 -0.37 10.30 -13.61
C GLY D 34 0.23 9.44 -12.52
N GLY D 35 1.07 10.02 -11.68
CA GLY D 35 1.71 9.24 -10.63
C GLY D 35 3.02 8.67 -11.17
N ALA D 36 4.08 9.47 -11.12
CA ALA D 36 5.37 9.05 -11.66
C ALA D 36 5.85 7.80 -10.93
N SER D 37 5.62 7.75 -9.62
CA SER D 37 6.02 6.59 -8.84
C SER D 37 5.26 5.37 -9.33
N SER D 38 3.98 5.56 -9.65
CA SER D 38 3.14 4.48 -10.15
C SER D 38 3.46 4.14 -11.60
N ARG D 39 3.71 5.18 -12.39
CA ARG D 39 4.06 4.99 -13.79
C ARG D 39 5.38 4.23 -13.87
N LEU D 40 6.30 4.58 -12.99
CA LEU D 40 7.60 3.93 -12.90
C LEU D 40 7.42 2.46 -12.55
N ASN D 41 6.50 2.18 -11.63
CA ASN D 41 6.23 0.81 -11.21
C ASN D 41 5.72 -0.12 -12.32
N LYS D 42 4.82 0.39 -13.16
CA LYS D 42 4.25 -0.38 -14.25
C LYS D 42 5.29 -0.58 -15.35
N ILE D 43 6.05 0.48 -15.62
CA ILE D 43 7.10 0.42 -16.63
C ILE D 43 8.17 -0.57 -16.23
N THR D 44 8.51 -0.59 -14.95
CA THR D 44 9.53 -1.50 -14.43
C THR D 44 9.11 -2.96 -14.61
N THR E 15 -18.54 -24.14 48.96
CA THR E 15 -18.57 -24.51 47.55
C THR E 15 -18.82 -23.29 46.67
N GLU E 16 -17.90 -22.34 46.70
CA GLU E 16 -18.02 -21.13 45.90
C GLU E 16 -18.01 -21.46 44.41
N ALA E 17 -17.17 -22.40 44.02
CA ALA E 17 -17.07 -22.81 42.62
C ALA E 17 -18.43 -23.23 42.09
N GLU E 18 -18.97 -24.31 42.64
CA GLU E 18 -20.27 -24.82 42.24
C GLU E 18 -21.21 -23.67 41.89
N LYS E 19 -21.36 -22.75 42.84
CA LYS E 19 -22.23 -21.59 42.64
C LYS E 19 -22.05 -21.04 41.23
N ARG E 20 -20.80 -21.00 40.78
CA ARG E 20 -20.49 -20.51 39.45
C ARG E 20 -21.14 -21.41 38.40
N ARG E 21 -21.08 -22.71 38.64
CA ARG E 21 -21.68 -23.68 37.73
C ARG E 21 -23.19 -23.47 37.66
N LEU E 22 -23.79 -23.21 38.83
CA LEU E 22 -25.22 -22.98 38.89
C LEU E 22 -25.58 -21.73 38.11
N LEU E 23 -24.75 -20.70 38.23
CA LEU E 23 -24.98 -19.44 37.52
C LEU E 23 -24.91 -19.68 36.02
N ARG E 24 -23.94 -20.50 35.61
CA ARG E 24 -23.77 -20.82 34.19
C ARG E 24 -25.00 -21.55 33.68
N GLU E 25 -25.43 -22.53 34.48
CA GLU E 25 -26.60 -23.35 34.21
C GLU E 25 -27.85 -22.51 34.18
N ARG E 26 -27.93 -21.54 35.10
CA ARG E 26 -29.07 -20.65 35.15
C ARG E 26 -29.12 -19.89 33.82
N ARG E 27 -27.95 -19.49 33.34
CA ARG E 27 -27.84 -18.78 32.08
C ARG E 27 -28.32 -19.68 30.94
N GLN E 28 -27.99 -20.96 31.01
CA GLN E 28 -28.42 -21.93 30.01
C GLN E 28 -29.94 -22.06 30.00
N LYS E 29 -30.54 -22.10 31.19
CA LYS E 29 -31.99 -22.20 31.32
C LYS E 29 -32.58 -20.96 30.69
N LYS E 30 -31.94 -19.84 30.96
CA LYS E 30 -32.35 -18.56 30.40
C LYS E 30 -32.19 -18.65 28.88
N PHE E 31 -31.12 -19.29 28.43
CA PHE E 31 -30.92 -19.44 27.00
C PHE E 31 -31.92 -20.45 26.43
N SER E 32 -32.04 -21.60 27.08
CA SER E 32 -33.03 -22.55 26.60
C SER E 32 -34.41 -21.96 26.83
N ASN E 33 -34.60 -21.44 28.03
CA ASN E 33 -35.83 -20.77 28.43
C ASN E 33 -36.07 -19.41 27.76
N GLY E 34 -34.99 -18.64 27.64
CA GLY E 34 -35.05 -17.30 27.12
C GLY E 34 -35.49 -17.08 25.69
N GLY E 35 -35.03 -17.94 24.78
CA GLY E 35 -35.39 -17.77 23.38
C GLY E 35 -34.36 -16.85 22.72
N ALA E 36 -33.25 -17.43 22.29
CA ALA E 36 -32.18 -16.64 21.68
C ALA E 36 -32.69 -15.93 20.44
N SER E 37 -33.53 -16.62 19.66
CA SER E 37 -34.11 -16.02 18.47
C SER E 37 -34.95 -14.81 18.87
N SER E 38 -35.68 -14.95 19.98
CA SER E 38 -36.52 -13.86 20.47
C SER E 38 -35.70 -12.77 21.15
N ARG E 39 -34.68 -13.19 21.90
CA ARG E 39 -33.79 -12.25 22.56
C ARG E 39 -33.07 -11.42 21.51
N LEU E 40 -32.67 -12.09 20.44
CA LEU E 40 -31.98 -11.44 19.32
C LEU E 40 -32.90 -10.42 18.68
N ASN E 41 -34.17 -10.78 18.54
CA ASN E 41 -35.15 -9.88 17.94
C ASN E 41 -35.38 -8.56 18.70
N LYS E 42 -35.43 -8.64 20.04
CA LYS E 42 -35.64 -7.47 20.88
C LYS E 42 -34.39 -6.61 20.89
N ILE E 43 -33.24 -7.27 20.97
CA ILE E 43 -31.96 -6.58 20.98
C ILE E 43 -31.76 -5.82 19.67
N THR E 44 -32.15 -6.46 18.56
CA THR E 44 -32.00 -5.85 17.24
C THR E 44 -32.84 -4.59 17.12
#